data_1IHH
# 
_entry.id   1IHH 
# 
_audit_conform.dict_name       mmcif_pdbx.dic 
_audit_conform.dict_version    5.386 
_audit_conform.dict_location   http://mmcif.pdb.org/dictionaries/ascii/mmcif_pdbx.dic 
# 
loop_
_database_2.database_id 
_database_2.database_code 
_database_2.pdbx_database_accession 
_database_2.pdbx_DOI 
PDB   1IHH         pdb_00001ihh 10.2210/pdb1ihh/pdb 
NDB   DD0040       ?            ?                   
RCSB  RCSB013271   ?            ?                   
WWPDB D_1000013271 ?            ?                   
# 
loop_
_pdbx_audit_revision_history.ordinal 
_pdbx_audit_revision_history.data_content_type 
_pdbx_audit_revision_history.major_revision 
_pdbx_audit_revision_history.minor_revision 
_pdbx_audit_revision_history.revision_date 
1 'Structure model' 1 0 2001-10-26 
2 'Structure model' 1 1 2008-04-27 
3 'Structure model' 1 2 2011-07-13 
4 'Structure model' 1 3 2019-07-24 
5 'Structure model' 1 4 2024-02-07 
# 
_pdbx_audit_revision_details.ordinal             1 
_pdbx_audit_revision_details.revision_ordinal    1 
_pdbx_audit_revision_details.data_content_type   'Structure model' 
_pdbx_audit_revision_details.provider            repository 
_pdbx_audit_revision_details.type                'Initial release' 
_pdbx_audit_revision_details.description         ? 
_pdbx_audit_revision_details.details             ? 
# 
loop_
_pdbx_audit_revision_group.ordinal 
_pdbx_audit_revision_group.revision_ordinal 
_pdbx_audit_revision_group.data_content_type 
_pdbx_audit_revision_group.group 
1 2 'Structure model' 'Version format compliance' 
2 3 'Structure model' 'Version format compliance' 
3 4 'Structure model' 'Data collection'           
4 4 'Structure model' 'Refinement description'    
5 5 'Structure model' 'Data collection'           
6 5 'Structure model' 'Database references'       
7 5 'Structure model' 'Derived calculations'      
# 
loop_
_pdbx_audit_revision_category.ordinal 
_pdbx_audit_revision_category.revision_ordinal 
_pdbx_audit_revision_category.data_content_type 
_pdbx_audit_revision_category.category 
1 4 'Structure model' software               
2 5 'Structure model' chem_comp_atom         
3 5 'Structure model' chem_comp_bond         
4 5 'Structure model' database_2             
5 5 'Structure model' pdbx_struct_conn_angle 
6 5 'Structure model' struct_conn            
7 5 'Structure model' struct_site            
# 
loop_
_pdbx_audit_revision_item.ordinal 
_pdbx_audit_revision_item.revision_ordinal 
_pdbx_audit_revision_item.data_content_type 
_pdbx_audit_revision_item.item 
1  4 'Structure model' '_software.name'                              
2  5 'Structure model' '_database_2.pdbx_DOI'                        
3  5 'Structure model' '_database_2.pdbx_database_accession'         
4  5 'Structure model' '_pdbx_struct_conn_angle.ptnr1_auth_comp_id'  
5  5 'Structure model' '_pdbx_struct_conn_angle.ptnr1_auth_seq_id'   
6  5 'Structure model' '_pdbx_struct_conn_angle.ptnr1_label_asym_id' 
7  5 'Structure model' '_pdbx_struct_conn_angle.ptnr1_label_atom_id' 
8  5 'Structure model' '_pdbx_struct_conn_angle.ptnr1_label_comp_id' 
9  5 'Structure model' '_pdbx_struct_conn_angle.ptnr1_label_seq_id'  
10 5 'Structure model' '_pdbx_struct_conn_angle.ptnr3_auth_comp_id'  
11 5 'Structure model' '_pdbx_struct_conn_angle.ptnr3_auth_seq_id'   
12 5 'Structure model' '_pdbx_struct_conn_angle.ptnr3_label_asym_id' 
13 5 'Structure model' '_pdbx_struct_conn_angle.ptnr3_label_atom_id' 
14 5 'Structure model' '_pdbx_struct_conn_angle.ptnr3_label_comp_id' 
15 5 'Structure model' '_pdbx_struct_conn_angle.ptnr3_label_seq_id'  
16 5 'Structure model' '_pdbx_struct_conn_angle.value'               
17 5 'Structure model' '_struct_conn.pdbx_dist_value'                
18 5 'Structure model' '_struct_conn.ptnr1_auth_comp_id'             
19 5 'Structure model' '_struct_conn.ptnr1_auth_seq_id'              
20 5 'Structure model' '_struct_conn.ptnr1_label_asym_id'            
21 5 'Structure model' '_struct_conn.ptnr1_label_atom_id'            
22 5 'Structure model' '_struct_conn.ptnr1_label_comp_id'            
23 5 'Structure model' '_struct_conn.ptnr1_label_seq_id'             
24 5 'Structure model' '_struct_conn.ptnr2_auth_comp_id'             
25 5 'Structure model' '_struct_conn.ptnr2_auth_seq_id'              
26 5 'Structure model' '_struct_conn.ptnr2_label_asym_id'            
27 5 'Structure model' '_struct_conn.ptnr2_label_atom_id'            
28 5 'Structure model' '_struct_conn.ptnr2_label_comp_id'            
29 5 'Structure model' '_struct_conn.ptnr2_label_seq_id'             
30 5 'Structure model' '_struct_site.pdbx_auth_asym_id'              
31 5 'Structure model' '_struct_site.pdbx_auth_comp_id'              
32 5 'Structure model' '_struct_site.pdbx_auth_seq_id'               
# 
_pdbx_database_status.status_code                     REL 
_pdbx_database_status.entry_id                        1IHH 
_pdbx_database_status.recvd_initial_deposition_date   2001-04-19 
_pdbx_database_status.deposit_site                    RCSB 
_pdbx_database_status.process_site                    RCSB 
_pdbx_database_status.status_code_sf                  REL 
_pdbx_database_status.SG_entry                        . 
_pdbx_database_status.pdb_format_compatible           Y 
_pdbx_database_status.status_code_mr                  ? 
_pdbx_database_status.status_code_cs                  ? 
_pdbx_database_status.methods_development_category    ? 
_pdbx_database_status.status_code_nmr_data            ? 
# 
loop_
_audit_author.name 
_audit_author.pdbx_ordinal 
'Spingler, B.'      1 
'Whittington, D.A.' 2 
'Lippard, S.J.'     3 
# 
_citation.id                        primary 
_citation.title                     
'2.4 A crystal structure of an oxaliplatin 1,2-d(GpG) intrastrand cross-link in a DNA dodecamer duplex.' 
_citation.journal_abbrev            Inorg.Chem. 
_citation.journal_volume            40 
_citation.page_first                5596 
_citation.page_last                 5602 
_citation.year                      2001 
_citation.journal_id_ASTM           INOCAJ 
_citation.country                   US 
_citation.journal_id_ISSN           0020-1669 
_citation.journal_id_CSD            0009 
_citation.book_publisher            ? 
_citation.pdbx_database_id_PubMed   11599959 
_citation.pdbx_database_id_DOI      10.1021/ic010790t 
# 
loop_
_citation_author.citation_id 
_citation_author.name 
_citation_author.ordinal 
_citation_author.identifier_ORCID 
primary 'Spingler, B.'      1 ? 
primary 'Whittington, D.A.' 2 ? 
primary 'Lippard, S.J.'     3 ? 
# 
loop_
_entity.id 
_entity.type 
_entity.src_method 
_entity.pdbx_description 
_entity.formula_weight 
_entity.pdbx_number_of_molecules 
_entity.pdbx_ec 
_entity.pdbx_mutation 
_entity.pdbx_fragment 
_entity.details 
1 polymer     syn "5'-D(*CP*CP*TP*CP*TP*GP*GP*TP*CP*TP*CP*C)-3'" 3565.316 1  ? ? ? ? 
2 polymer     syn "5'-D(*GP*GP*AP*GP*AP*CP*CP*AP*GP*AP*GP*G)-3'" 3761.468 1  ? ? ? ? 
3 non-polymer syn 'PLATINUM (II) ION'                            195.078  1  ? ? ? ? 
4 non-polymer syn 1R,2R-DIAMINOCYCLOHEXANE                       114.189  1  ? ? ? ? 
5 non-polymer syn 'BARIUM ION'                                   137.327  1  ? ? ? ? 
6 water       nat water                                          18.015   12 ? ? ? ? 
# 
loop_
_entity_poly.entity_id 
_entity_poly.type 
_entity_poly.nstd_linkage 
_entity_poly.nstd_monomer 
_entity_poly.pdbx_seq_one_letter_code 
_entity_poly.pdbx_seq_one_letter_code_can 
_entity_poly.pdbx_strand_id 
_entity_poly.pdbx_target_identifier 
1 polydeoxyribonucleotide no no '(DC)(DC)(DT)(DC)(DT)(DG)(DG)(DT)(DC)(DT)(DC)(DC)' CCTCTGGTCTCC A ? 
2 polydeoxyribonucleotide no no '(DG)(DG)(DA)(DG)(DA)(DC)(DC)(DA)(DG)(DA)(DG)(DG)' GGAGACCAGAGG B ? 
# 
loop_
_pdbx_entity_nonpoly.entity_id 
_pdbx_entity_nonpoly.name 
_pdbx_entity_nonpoly.comp_id 
3 'PLATINUM (II) ION'      PT  
4 1R,2R-DIAMINOCYCLOHEXANE DNH 
5 'BARIUM ION'             BA  
6 water                    HOH 
# 
loop_
_entity_poly_seq.entity_id 
_entity_poly_seq.num 
_entity_poly_seq.mon_id 
_entity_poly_seq.hetero 
1 1  DC n 
1 2  DC n 
1 3  DT n 
1 4  DC n 
1 5  DT n 
1 6  DG n 
1 7  DG n 
1 8  DT n 
1 9  DC n 
1 10 DT n 
1 11 DC n 
1 12 DC n 
2 1  DG n 
2 2  DG n 
2 3  DA n 
2 4  DG n 
2 5  DA n 
2 6  DC n 
2 7  DC n 
2 8  DA n 
2 9  DG n 
2 10 DA n 
2 11 DG n 
2 12 DG n 
# 
loop_
_chem_comp.id 
_chem_comp.type 
_chem_comp.mon_nstd_flag 
_chem_comp.name 
_chem_comp.pdbx_synonyms 
_chem_comp.formula 
_chem_comp.formula_weight 
BA  non-polymer   . 'BARIUM ION'                         ? 'Ba 2'            137.327 
DA  'DNA linking' y "2'-DEOXYADENOSINE-5'-MONOPHOSPHATE" ? 'C10 H14 N5 O6 P' 331.222 
DC  'DNA linking' y "2'-DEOXYCYTIDINE-5'-MONOPHOSPHATE"  ? 'C9 H14 N3 O7 P'  307.197 
DG  'DNA linking' y "2'-DEOXYGUANOSINE-5'-MONOPHOSPHATE" ? 'C10 H14 N5 O7 P' 347.221 
DNH non-polymer   . 1R,2R-DIAMINOCYCLOHEXANE             ? 'C6 H14 N2'       114.189 
DT  'DNA linking' y "THYMIDINE-5'-MONOPHOSPHATE"         ? 'C10 H15 N2 O8 P' 322.208 
HOH non-polymer   . WATER                                ? 'H2 O'            18.015  
PT  non-polymer   . 'PLATINUM (II) ION'                  ? 'Pt 2'            195.078 
# 
loop_
_pdbx_poly_seq_scheme.asym_id 
_pdbx_poly_seq_scheme.entity_id 
_pdbx_poly_seq_scheme.seq_id 
_pdbx_poly_seq_scheme.mon_id 
_pdbx_poly_seq_scheme.ndb_seq_num 
_pdbx_poly_seq_scheme.pdb_seq_num 
_pdbx_poly_seq_scheme.auth_seq_num 
_pdbx_poly_seq_scheme.pdb_mon_id 
_pdbx_poly_seq_scheme.auth_mon_id 
_pdbx_poly_seq_scheme.pdb_strand_id 
_pdbx_poly_seq_scheme.pdb_ins_code 
_pdbx_poly_seq_scheme.hetero 
A 1 1  DC 1  1  1  DC C  A . n 
A 1 2  DC 2  2  2  DC C  A . n 
A 1 3  DT 3  3  3  DT T  A . n 
A 1 4  DC 4  4  4  DC C  A . n 
A 1 5  DT 5  5  5  DT T  A . n 
A 1 6  DG 6  6  6  DG +G A . n 
A 1 7  DG 7  7  7  DG +G A . n 
A 1 8  DT 8  8  8  DT T  A . n 
A 1 9  DC 9  9  9  DC C  A . n 
A 1 10 DT 10 10 10 DT T  A . n 
A 1 11 DC 11 11 11 DC C  A . n 
A 1 12 DC 12 12 12 DC C  A . n 
B 2 1  DG 1  1  1  DG G  B . n 
B 2 2  DG 2  2  2  DG G  B . n 
B 2 3  DA 3  3  3  DA A  B . n 
B 2 4  DG 4  4  4  DG G  B . n 
B 2 5  DA 5  5  5  DA A  B . n 
B 2 6  DC 6  6  6  DC C  B . n 
B 2 7  DC 7  7  7  DC C  B . n 
B 2 8  DA 8  8  8  DA A  B . n 
B 2 9  DG 9  9  9  DG G  B . n 
B 2 10 DA 10 10 10 DA A  B . n 
B 2 11 DG 11 11 11 DG G  B . n 
B 2 12 DG 12 12 12 DG G  B . n 
# 
loop_
_pdbx_nonpoly_scheme.asym_id 
_pdbx_nonpoly_scheme.entity_id 
_pdbx_nonpoly_scheme.mon_id 
_pdbx_nonpoly_scheme.ndb_seq_num 
_pdbx_nonpoly_scheme.pdb_seq_num 
_pdbx_nonpoly_scheme.auth_seq_num 
_pdbx_nonpoly_scheme.pdb_mon_id 
_pdbx_nonpoly_scheme.auth_mon_id 
_pdbx_nonpoly_scheme.pdb_strand_id 
_pdbx_nonpoly_scheme.pdb_ins_code 
C 3 PT  1 41  40  PT  XXX A . 
D 4 DNH 1 40  40  DNH XXX A . 
E 5 BA  1 42  41  BA  BA  B . 
F 6 HOH 1 102 102 HOH HOH A . 
F 6 HOH 2 106 106 HOH HOH A . 
F 6 HOH 3 111 111 HOH HOH A . 
F 6 HOH 4 112 112 HOH HOH A . 
F 6 HOH 5 113 113 HOH HOH A . 
G 6 HOH 1 103 103 HOH HOH B . 
G 6 HOH 2 104 104 HOH HOH B . 
G 6 HOH 3 105 105 HOH HOH B . 
G 6 HOH 4 107 107 HOH HOH B . 
G 6 HOH 5 108 108 HOH HOH B . 
G 6 HOH 6 109 109 HOH HOH B . 
G 6 HOH 7 110 110 HOH HOH B . 
# 
loop_
_software.name 
_software.classification 
_software.version 
_software.citation_id 
_software.pdbx_ordinal 
SHELXL-97 refinement       . ? 1 
CNS       refinement       . ? 2 
DENZO     'data reduction' . ? 3 
SCALEPACK 'data scaling'   . ? 4 
CNS       phasing          . ? 5 
# 
_cell.entry_id           1IHH 
_cell.length_a           41.942 
_cell.length_b           51.246 
_cell.length_c           87.049 
_cell.angle_alpha        90.00 
_cell.angle_beta         90.00 
_cell.angle_gamma        90.00 
_cell.Z_PDB              8 
_cell.pdbx_unique_axis   ? 
# 
_symmetry.entry_id                         1IHH 
_symmetry.space_group_name_H-M             'I 2 2 2' 
_symmetry.pdbx_full_space_group_name_H-M   ? 
_symmetry.cell_setting                     ? 
_symmetry.Int_Tables_number                23 
# 
_exptl.entry_id          1IHH 
_exptl.method            'X-RAY DIFFRACTION' 
_exptl.crystals_number   2 
# 
_exptl_crystal.id                    1 
_exptl_crystal.density_meas          ? 
_exptl_crystal.density_Matthews      2.82 
_exptl_crystal.density_percent_sol   55 
_exptl_crystal.description           ? 
# 
_exptl_crystal_grow.crystal_id      1 
_exptl_crystal_grow.method          'VAPOR DIFFUSION, HANGING DROP' 
_exptl_crystal_grow.temp            277 
_exptl_crystal_grow.temp_details    ? 
_exptl_crystal_grow.pH              7.0 
_exptl_crystal_grow.pdbx_details    
'MPD, SODIUM CACODYLATE, SPERMINE*4HCl, BACL2, ETHYL ACETATE, pH 7.0, VAPOR DIFFUSION, HANGING DROP, temperature 277K' 
_exptl_crystal_grow.pdbx_pH_range   ? 
# 
loop_
_exptl_crystal_grow_comp.crystal_id 
_exptl_crystal_grow_comp.id 
_exptl_crystal_grow_comp.sol_id 
_exptl_crystal_grow_comp.name 
_exptl_crystal_grow_comp.volume 
_exptl_crystal_grow_comp.conc 
_exptl_crystal_grow_comp.details 
1 1 1 MPD                 ? ? ? 
1 2 1 'SODIUM CACODYLATE' ? ? ? 
1 3 1 SPERMINE*4HCl       ? ? ? 
1 4 1 BaCl2               ? ? ? 
1 5 1 'ETHYL ACETATE'     ? ? ? 
# 
loop_
_diffrn.id 
_diffrn.ambient_temp 
_diffrn.ambient_temp_details 
_diffrn.crystal_id 
1 103 ? 1 
2 173 ? 1 
# 
loop_
_diffrn_detector.diffrn_id 
_diffrn_detector.detector 
_diffrn_detector.type 
_diffrn_detector.pdbx_collection_date 
_diffrn_detector.details 
1 'IMAGE PLATE' MARRESEARCH 2000-02-27 ? 
2 CCD           CUSTOM-MADE 2000-02-10 ? 
# 
loop_
_diffrn_radiation.diffrn_id 
_diffrn_radiation.wavelength_id 
_diffrn_radiation.pdbx_monochromatic_or_laue_m_l 
_diffrn_radiation.monochromator 
_diffrn_radiation.pdbx_diffrn_protocol 
_diffrn_radiation.pdbx_scattering_type 
1 1 M ? 'SINGLE WAVELENGTH' x-ray 
2 1 M ? MAD                 x-ray 
# 
loop_
_diffrn_radiation_wavelength.id 
_diffrn_radiation_wavelength.wavelength 
_diffrn_radiation_wavelength.wt 
1 0.970  1.0 
2 1.0721 1.0 
3 1.0724 1.0 
4 1.0277 1.0 
5 1.1206 1.0 
# 
loop_
_diffrn_source.diffrn_id 
_diffrn_source.source 
_diffrn_source.type 
_diffrn_source.pdbx_synchrotron_site 
_diffrn_source.pdbx_synchrotron_beamline 
_diffrn_source.pdbx_wavelength 
_diffrn_source.pdbx_wavelength_list 
1 SYNCHROTRON 'SSRL BEAMLINE BL9-1' SSRL BL9-1 0.970 0.970                       
2 SYNCHROTRON 'APS BEAMLINE 19-ID'  APS  19-ID ?     1.0721,1.0724,1.0277,1.1206 
# 
_reflns.entry_id                     1IHH 
_reflns.observed_criterion_sigma_I   ? 
_reflns.observed_criterion_sigma_F   4 
_reflns.d_resolution_low             100 
_reflns.d_resolution_high            2.4 
_reflns.number_obs                   6296 
_reflns.number_all                   61465 
_reflns.percent_possible_obs         93.7 
_reflns.pdbx_Rmerge_I_obs            0.0890000 
_reflns.pdbx_Rsym_value              ? 
_reflns.pdbx_netI_over_sigmaI        18.9 
_reflns.B_iso_Wilson_estimate        ? 
_reflns.pdbx_redundancy              9.76 
_reflns.R_free_details               ? 
_reflns.pdbx_diffrn_id               1,2 
_reflns.pdbx_ordinal                 1 
# 
_reflns_shell.d_res_high             2.40 
_reflns_shell.d_res_low              2.44 
_reflns_shell.percent_possible_all   69.0 
_reflns_shell.Rmerge_I_obs           0.3680000 
_reflns_shell.pdbx_Rsym_value        ? 
_reflns_shell.meanI_over_sigI_obs    4.5 
_reflns_shell.pdbx_redundancy        ? 
_reflns_shell.percent_possible_obs   ? 
_reflns_shell.number_unique_all      ? 
_reflns_shell.pdbx_diffrn_id         ? 
_reflns_shell.pdbx_ordinal           1 
# 
_refine.entry_id                                 1IHH 
_refine.ls_number_reflns_obs                     4935 
_refine.ls_number_reflns_all                     6296 
_refine.pdbx_ls_sigma_I                          ? 
_refine.pdbx_ls_sigma_F                          4.0 
_refine.pdbx_data_cutoff_high_absF               ? 
_refine.pdbx_data_cutoff_low_absF                ? 
_refine.ls_d_res_low                             100 
_refine.ls_d_res_high                            2.40 
_refine.ls_percent_reflns_obs                    93.7 
_refine.ls_R_factor_obs                          ? 
_refine.ls_R_factor_all                          ? 
_refine.ls_R_factor_R_work                       0.2090000 
_refine.ls_R_factor_R_free                       0.2560000 
_refine.ls_R_factor_R_free_error                 ? 
_refine.ls_R_factor_R_free_error_details         ? 
_refine.ls_percent_reflns_R_free                 10.0 
_refine.ls_number_reflns_R_free                  487 
_refine.ls_number_parameters                     2052 
_refine.ls_number_restraints                     2360 
_refine.occupancy_min                            ? 
_refine.occupancy_max                            ? 
_refine.B_iso_mean                               47.90 
_refine.aniso_B[1][1]                            ? 
_refine.aniso_B[2][2]                            ? 
_refine.aniso_B[3][3]                            ? 
_refine.aniso_B[1][2]                            ? 
_refine.aniso_B[1][3]                            ? 
_refine.aniso_B[2][3]                            ? 
_refine.solvent_model_details                    ? 
_refine.solvent_model_param_ksol                 ? 
_refine.solvent_model_param_bsol                 ? 
_refine.pdbx_ls_cross_valid_method               'FREE R' 
_refine.details                                  ? 
_refine.pdbx_starting_model                      ? 
_refine.pdbx_method_to_determine_struct          MAD 
_refine.pdbx_isotropic_thermal_model             ? 
_refine.pdbx_stereochemistry_target_values       'ENGH AND HUBER' 
_refine.pdbx_stereochem_target_val_spec_case     ? 
_refine.pdbx_R_Free_selection_details            RANDOM 
_refine.pdbx_overall_ESU_R_Free                  ? 
_refine.overall_SU_B                             ? 
_refine.ls_redundancy_reflns_obs                 ? 
_refine.correlation_coeff_Fo_to_Fc               ? 
_refine.correlation_coeff_Fo_to_Fc_free          ? 
_refine.overall_SU_R_Cruickshank_DPI             ? 
_refine.overall_SU_R_free                        ? 
_refine.overall_SU_ML                            ? 
_refine.pdbx_overall_ESU_R                       ? 
_refine.pdbx_data_cutoff_high_rms_absF           ? 
_refine.pdbx_refine_id                           'X-RAY DIFFRACTION' 
_refine.pdbx_diffrn_id                           1 
_refine.pdbx_TLS_residual_ADP_flag               ? 
_refine.pdbx_solvent_vdw_probe_radii             ? 
_refine.pdbx_solvent_ion_probe_radii             ? 
_refine.pdbx_solvent_shrinkage_radii             ? 
_refine.pdbx_overall_phase_error                 ? 
_refine.pdbx_overall_SU_R_free_Cruickshank_DPI   ? 
_refine.pdbx_overall_SU_R_Blow_DPI               ? 
_refine.pdbx_overall_SU_R_free_Blow_DPI          ? 
# 
_refine_analyze.entry_id                        1IHH 
_refine_analyze.Luzzati_coordinate_error_obs    ? 
_refine_analyze.Luzzati_sigma_a_obs             ? 
_refine_analyze.Luzzati_d_res_low_obs           ? 
_refine_analyze.Luzzati_coordinate_error_free   ? 
_refine_analyze.Luzzati_sigma_a_free            ? 
_refine_analyze.Luzzati_d_res_low_free          ? 
_refine_analyze.number_disordered_residues      ? 
_refine_analyze.occupancy_sum_hydrogen          0 
_refine_analyze.occupancy_sum_non_hydrogen      508 
_refine_analyze.pdbx_refine_id                  'X-RAY DIFFRACTION' 
# 
_refine_hist.pdbx_refine_id                   'X-RAY DIFFRACTION' 
_refine_hist.cycle_id                         LAST 
_refine_hist.pdbx_number_atoms_protein        0 
_refine_hist.pdbx_number_atoms_nucleic_acid   486 
_refine_hist.pdbx_number_atoms_ligand         10 
_refine_hist.number_atoms_solvent             12 
_refine_hist.number_atoms_total               508 
_refine_hist.d_res_high                       2.40 
_refine_hist.d_res_low                        100 
# 
loop_
_refine_ls_restr.type 
_refine_ls_restr.dev_ideal 
_refine_ls_restr.dev_ideal_target 
_refine_ls_restr.weight 
_refine_ls_restr.number 
_refine_ls_restr.pdbx_refine_id 
_refine_ls_restr.pdbx_restraint_function 
s_bond_d              0.007 ? ? ? 'X-RAY DIFFRACTION' ? 
s_angle_d             0.021 ? ? ? 'X-RAY DIFFRACTION' ? 
s_similar_dist        0.106 ? ? ? 'X-RAY DIFFRACTION' ? 
s_from_restr_planes   0.001 ? ? ? 'X-RAY DIFFRACTION' ? 
s_zero_chiral_vol     0.000 ? ? ? 'X-RAY DIFFRACTION' ? 
s_non_zero_chiral_vol 0.006 ? ? ? 'X-RAY DIFFRACTION' ? 
# 
_pdbx_refine.entry_id                                    1IHH 
_pdbx_refine.R_factor_all_no_cutoff                      ? 
_pdbx_refine.R_factor_obs_no_cutoff                      0.2300000 
_pdbx_refine.free_R_factor_no_cutoff                     0.2870000 
_pdbx_refine.free_R_val_test_set_size_perc_no_cutoff     10.0 
_pdbx_refine.free_R_val_test_set_ct_no_cutoff            487 
_pdbx_refine.R_factor_all_4sig_cutoff                    ? 
_pdbx_refine.R_factor_obs_4sig_cutoff                    0.2090000 
_pdbx_refine.free_R_factor_4sig_cutoff                   0.2560000 
_pdbx_refine.free_R_val_test_set_size_perc_4sig_cutoff   10.0 
_pdbx_refine.free_R_val_test_set_ct_4sig_cutoff          631 
_pdbx_refine.number_reflns_obs_4sig_cutoff               4935 
_pdbx_refine.number_reflns_obs_no_cutoff                 ? 
_pdbx_refine.pdbx_refine_id                              'X-RAY DIFFRACTION' 
_pdbx_refine.free_R_error_no_cutoff                      ? 
# 
_struct.entry_id                  1IHH 
_struct.title                     
'2.4 ANGSTROM CRYSTAL STRUCTURE OF AN OXALIPLATIN 1,2-D(GPG) INTRASTRAND CROSS-LINK IN A DNA DODECAMER DUPLEX' 
_struct.pdbx_model_details        ? 
_struct.pdbx_CASP_flag            ? 
_struct.pdbx_model_type_details   ? 
# 
_struct_keywords.entry_id        1IHH 
_struct_keywords.pdbx_keywords   DNA 
_struct_keywords.text            
'RIGHT HANDED DNA, DOUBLE HELIX, COMPLEXED WITH DRUG, OXALIPLATIN, MODIFIED, DEOXYNUCLEIC ACID, DNA' 
# 
loop_
_struct_asym.id 
_struct_asym.pdbx_blank_PDB_chainid_flag 
_struct_asym.pdbx_modified 
_struct_asym.entity_id 
_struct_asym.details 
A N N 1 ? 
B N N 2 ? 
C N N 3 ? 
D N N 4 ? 
E N N 5 ? 
F N N 6 ? 
G N N 6 ? 
# 
loop_
_struct_ref.id 
_struct_ref.entity_id 
_struct_ref.db_name 
_struct_ref.db_code 
_struct_ref.pdbx_db_accession 
_struct_ref.pdbx_db_isoform 
_struct_ref.pdbx_seq_one_letter_code 
_struct_ref.pdbx_align_begin 
1 1 PDB 1IHH 1IHH ? ? ? 
2 2 PDB 1IHH 1IHH ? ? ? 
# 
loop_
_struct_ref_seq.align_id 
_struct_ref_seq.ref_id 
_struct_ref_seq.pdbx_PDB_id_code 
_struct_ref_seq.pdbx_strand_id 
_struct_ref_seq.seq_align_beg 
_struct_ref_seq.pdbx_seq_align_beg_ins_code 
_struct_ref_seq.seq_align_end 
_struct_ref_seq.pdbx_seq_align_end_ins_code 
_struct_ref_seq.pdbx_db_accession 
_struct_ref_seq.db_align_beg 
_struct_ref_seq.pdbx_db_align_beg_ins_code 
_struct_ref_seq.db_align_end 
_struct_ref_seq.pdbx_db_align_end_ins_code 
_struct_ref_seq.pdbx_auth_seq_align_beg 
_struct_ref_seq.pdbx_auth_seq_align_end 
1 1 1IHH A 1 ? 12 ? 1IHH 1 ? 12 ? 1 12 
2 2 1IHH B 1 ? 12 ? 1IHH 1 ? 12 ? 1 12 
# 
_pdbx_struct_assembly.id                   1 
_pdbx_struct_assembly.details              author_defined_assembly 
_pdbx_struct_assembly.method_details       ? 
_pdbx_struct_assembly.oligomeric_details   dimeric 
_pdbx_struct_assembly.oligomeric_count     2 
# 
_pdbx_struct_assembly_gen.assembly_id       1 
_pdbx_struct_assembly_gen.oper_expression   1 
_pdbx_struct_assembly_gen.asym_id_list      A,B,C,D,E,F,G 
# 
_pdbx_struct_oper_list.id                   1 
_pdbx_struct_oper_list.type                 'identity operation' 
_pdbx_struct_oper_list.name                 1_555 
_pdbx_struct_oper_list.symmetry_operation   x,y,z 
_pdbx_struct_oper_list.matrix[1][1]         1.0000000000 
_pdbx_struct_oper_list.matrix[1][2]         0.0000000000 
_pdbx_struct_oper_list.matrix[1][3]         0.0000000000 
_pdbx_struct_oper_list.vector[1]            0.0000000000 
_pdbx_struct_oper_list.matrix[2][1]         0.0000000000 
_pdbx_struct_oper_list.matrix[2][2]         1.0000000000 
_pdbx_struct_oper_list.matrix[2][3]         0.0000000000 
_pdbx_struct_oper_list.vector[2]            0.0000000000 
_pdbx_struct_oper_list.matrix[3][1]         0.0000000000 
_pdbx_struct_oper_list.matrix[3][2]         0.0000000000 
_pdbx_struct_oper_list.matrix[3][3]         1.0000000000 
_pdbx_struct_oper_list.vector[3]            0.0000000000 
# 
_struct_biol.id                    1 
_struct_biol.pdbx_parent_biol_id   ? 
_struct_biol.details               ? 
# 
loop_
_struct_conn.id 
_struct_conn.conn_type_id 
_struct_conn.pdbx_leaving_atom_flag 
_struct_conn.pdbx_PDB_id 
_struct_conn.ptnr1_label_asym_id 
_struct_conn.ptnr1_label_comp_id 
_struct_conn.ptnr1_label_seq_id 
_struct_conn.ptnr1_label_atom_id 
_struct_conn.pdbx_ptnr1_label_alt_id 
_struct_conn.pdbx_ptnr1_PDB_ins_code 
_struct_conn.pdbx_ptnr1_standard_comp_id 
_struct_conn.ptnr1_symmetry 
_struct_conn.ptnr2_label_asym_id 
_struct_conn.ptnr2_label_comp_id 
_struct_conn.ptnr2_label_seq_id 
_struct_conn.ptnr2_label_atom_id 
_struct_conn.pdbx_ptnr2_label_alt_id 
_struct_conn.pdbx_ptnr2_PDB_ins_code 
_struct_conn.ptnr1_auth_asym_id 
_struct_conn.ptnr1_auth_comp_id 
_struct_conn.ptnr1_auth_seq_id 
_struct_conn.ptnr2_auth_asym_id 
_struct_conn.ptnr2_auth_comp_id 
_struct_conn.ptnr2_auth_seq_id 
_struct_conn.ptnr2_symmetry 
_struct_conn.pdbx_ptnr3_label_atom_id 
_struct_conn.pdbx_ptnr3_label_seq_id 
_struct_conn.pdbx_ptnr3_label_comp_id 
_struct_conn.pdbx_ptnr3_label_asym_id 
_struct_conn.pdbx_ptnr3_label_alt_id 
_struct_conn.pdbx_ptnr3_PDB_ins_code 
_struct_conn.details 
_struct_conn.pdbx_dist_value 
_struct_conn.pdbx_value_order 
_struct_conn.pdbx_role 
metalc1  metalc ? ? A DG  6  N7 ? ? ? 1_555 C PT  .  PT ? ? A DG  6  A PT  41  1_555 ? ? ? ? ? ? ?            1.979 ? ? 
metalc2  metalc ? ? A DG  6  O6 ? ? ? 1_555 C PT  .  PT ? ? A DG  6  A PT  41  1_555 ? ? ? ? ? ? ?            3.571 ? ? 
metalc3  metalc ? ? A DG  7  N7 ? ? ? 1_555 C PT  .  PT ? ? A DG  7  A PT  41  1_555 ? ? ? ? ? ? ?            1.945 ? ? 
metalc4  metalc ? ? A DG  7  O6 ? ? ? 1_555 C PT  .  PT ? ? A DG  7  A PT  41  1_555 ? ? ? ? ? ? ?            3.400 ? ? 
metalc5  metalc ? ? D DNH .  N1 ? ? ? 1_555 C PT  .  PT ? ? A DNH 40 A PT  41  1_555 ? ? ? ? ? ? ?            2.028 ? ? 
metalc6  metalc ? ? D DNH .  N2 ? ? ? 1_555 C PT  .  PT ? ? A DNH 40 A PT  41  1_555 ? ? ? ? ? ? ?            2.041 ? ? 
metalc7  metalc ? ? B DA  10 N7 ? ? ? 1_555 E BA  .  BA ? ? B DA  10 B BA  42  1_555 ? ? ? ? ? ? ?            3.111 ? ? 
metalc8  metalc ? ? B DG  11 O6 ? ? ? 1_555 E BA  .  BA ? ? B DG  11 B BA  42  1_555 ? ? ? ? ? ? ?            3.103 ? ? 
metalc9  metalc ? ? B DG  11 N7 ? ? ? 1_555 E BA  .  BA ? ? B DG  11 B BA  42  1_555 ? ? ? ? ? ? ?            2.556 ? ? 
metalc10 metalc ? ? E BA  .  BA ? ? ? 1_555 G HOH .  O  ? ? B BA  42 B HOH 107 1_555 ? ? ? ? ? ? ?            3.043 ? ? 
hydrog1  hydrog ? ? A DC  1  N3 ? ? ? 1_555 B DG  12 N1 ? ? A DC  1  B DG  12  1_555 ? ? ? ? ? ? WATSON-CRICK ?     ? ? 
hydrog2  hydrog ? ? A DC  1  N4 ? ? ? 1_555 B DG  12 O6 ? ? A DC  1  B DG  12  1_555 ? ? ? ? ? ? WATSON-CRICK ?     ? ? 
hydrog3  hydrog ? ? A DC  1  O2 ? ? ? 1_555 B DG  12 N2 ? ? A DC  1  B DG  12  1_555 ? ? ? ? ? ? WATSON-CRICK ?     ? ? 
hydrog4  hydrog ? ? A DC  2  N3 ? ? ? 1_555 B DG  11 N1 ? ? A DC  2  B DG  11  1_555 ? ? ? ? ? ? WATSON-CRICK ?     ? ? 
hydrog5  hydrog ? ? A DC  2  N4 ? ? ? 1_555 B DG  11 O6 ? ? A DC  2  B DG  11  1_555 ? ? ? ? ? ? WATSON-CRICK ?     ? ? 
hydrog6  hydrog ? ? A DC  2  O2 ? ? ? 1_555 B DG  11 N2 ? ? A DC  2  B DG  11  1_555 ? ? ? ? ? ? WATSON-CRICK ?     ? ? 
hydrog7  hydrog ? ? A DT  3  N3 ? ? ? 1_555 B DA  10 N1 ? ? A DT  3  B DA  10  1_555 ? ? ? ? ? ? WATSON-CRICK ?     ? ? 
hydrog8  hydrog ? ? A DT  3  O4 ? ? ? 1_555 B DA  10 N6 ? ? A DT  3  B DA  10  1_555 ? ? ? ? ? ? WATSON-CRICK ?     ? ? 
hydrog9  hydrog ? ? A DC  4  N3 ? ? ? 1_555 B DG  9  N1 ? ? A DC  4  B DG  9   1_555 ? ? ? ? ? ? WATSON-CRICK ?     ? ? 
hydrog10 hydrog ? ? A DC  4  N4 ? ? ? 1_555 B DG  9  O6 ? ? A DC  4  B DG  9   1_555 ? ? ? ? ? ? WATSON-CRICK ?     ? ? 
hydrog11 hydrog ? ? A DC  4  O2 ? ? ? 1_555 B DG  9  N2 ? ? A DC  4  B DG  9   1_555 ? ? ? ? ? ? WATSON-CRICK ?     ? ? 
hydrog12 hydrog ? ? A DT  5  N3 ? ? ? 1_555 B DA  8  N1 ? ? A DT  5  B DA  8   1_555 ? ? ? ? ? ? WATSON-CRICK ?     ? ? 
hydrog13 hydrog ? ? A DT  5  O4 ? ? ? 1_555 B DA  8  N6 ? ? A DT  5  B DA  8   1_555 ? ? ? ? ? ? WATSON-CRICK ?     ? ? 
hydrog14 hydrog ? ? A DG  6  N1 ? ? ? 1_555 B DC  7  N3 ? ? A DG  6  B DC  7   1_555 ? ? ? ? ? ? WATSON-CRICK ?     ? ? 
hydrog15 hydrog ? ? A DG  6  N2 ? ? ? 1_555 B DC  7  O2 ? ? A DG  6  B DC  7   1_555 ? ? ? ? ? ? WATSON-CRICK ?     ? ? 
hydrog16 hydrog ? ? A DG  6  O6 ? ? ? 1_555 B DC  7  N4 ? ? A DG  6  B DC  7   1_555 ? ? ? ? ? ? WATSON-CRICK ?     ? ? 
hydrog17 hydrog ? ? A DG  7  N1 ? ? ? 1_555 B DC  6  N3 ? ? A DG  7  B DC  6   1_555 ? ? ? ? ? ? WATSON-CRICK ?     ? ? 
hydrog18 hydrog ? ? A DG  7  N2 ? ? ? 1_555 B DC  6  O2 ? ? A DG  7  B DC  6   1_555 ? ? ? ? ? ? WATSON-CRICK ?     ? ? 
hydrog19 hydrog ? ? A DG  7  O6 ? ? ? 1_555 B DC  6  N4 ? ? A DG  7  B DC  6   1_555 ? ? ? ? ? ? WATSON-CRICK ?     ? ? 
hydrog20 hydrog ? ? A DT  8  N3 ? ? ? 1_555 B DA  5  N1 ? ? A DT  8  B DA  5   1_555 ? ? ? ? ? ? WATSON-CRICK ?     ? ? 
hydrog21 hydrog ? ? A DT  8  O4 ? ? ? 1_555 B DA  5  N6 ? ? A DT  8  B DA  5   1_555 ? ? ? ? ? ? WATSON-CRICK ?     ? ? 
hydrog22 hydrog ? ? A DC  9  N3 ? ? ? 1_555 B DG  4  N1 ? ? A DC  9  B DG  4   1_555 ? ? ? ? ? ? WATSON-CRICK ?     ? ? 
hydrog23 hydrog ? ? A DC  9  N4 ? ? ? 1_555 B DG  4  O6 ? ? A DC  9  B DG  4   1_555 ? ? ? ? ? ? WATSON-CRICK ?     ? ? 
hydrog24 hydrog ? ? A DC  9  O2 ? ? ? 1_555 B DG  4  N2 ? ? A DC  9  B DG  4   1_555 ? ? ? ? ? ? WATSON-CRICK ?     ? ? 
hydrog25 hydrog ? ? A DT  10 N3 ? ? ? 1_555 B DA  3  N1 ? ? A DT  10 B DA  3   1_555 ? ? ? ? ? ? WATSON-CRICK ?     ? ? 
hydrog26 hydrog ? ? A DT  10 O4 ? ? ? 1_555 B DA  3  N6 ? ? A DT  10 B DA  3   1_555 ? ? ? ? ? ? WATSON-CRICK ?     ? ? 
hydrog27 hydrog ? ? A DC  11 N3 ? ? ? 1_555 B DG  2  N1 ? ? A DC  11 B DG  2   1_555 ? ? ? ? ? ? WATSON-CRICK ?     ? ? 
hydrog28 hydrog ? ? A DC  11 N4 ? ? ? 1_555 B DG  2  O6 ? ? A DC  11 B DG  2   1_555 ? ? ? ? ? ? WATSON-CRICK ?     ? ? 
hydrog29 hydrog ? ? A DC  11 O2 ? ? ? 1_555 B DG  2  N2 ? ? A DC  11 B DG  2   1_555 ? ? ? ? ? ? WATSON-CRICK ?     ? ? 
hydrog30 hydrog ? ? A DC  12 N3 ? ? ? 1_555 B DG  1  N1 ? ? A DC  12 B DG  1   1_555 ? ? ? ? ? ? WATSON-CRICK ?     ? ? 
hydrog31 hydrog ? ? A DC  12 N4 ? ? ? 1_555 B DG  1  O6 ? ? A DC  12 B DG  1   1_555 ? ? ? ? ? ? WATSON-CRICK ?     ? ? 
hydrog32 hydrog ? ? A DC  12 O2 ? ? ? 1_555 B DG  1  N2 ? ? A DC  12 B DG  1   1_555 ? ? ? ? ? ? WATSON-CRICK ?     ? ? 
# 
loop_
_struct_conn_type.id 
_struct_conn_type.criteria 
_struct_conn_type.reference 
metalc ? ? 
hydrog ? ? 
# 
loop_
_pdbx_struct_conn_angle.id 
_pdbx_struct_conn_angle.ptnr1_label_atom_id 
_pdbx_struct_conn_angle.ptnr1_label_alt_id 
_pdbx_struct_conn_angle.ptnr1_label_asym_id 
_pdbx_struct_conn_angle.ptnr1_label_comp_id 
_pdbx_struct_conn_angle.ptnr1_label_seq_id 
_pdbx_struct_conn_angle.ptnr1_auth_atom_id 
_pdbx_struct_conn_angle.ptnr1_auth_asym_id 
_pdbx_struct_conn_angle.ptnr1_auth_comp_id 
_pdbx_struct_conn_angle.ptnr1_auth_seq_id 
_pdbx_struct_conn_angle.ptnr1_PDB_ins_code 
_pdbx_struct_conn_angle.ptnr1_symmetry 
_pdbx_struct_conn_angle.ptnr2_label_atom_id 
_pdbx_struct_conn_angle.ptnr2_label_alt_id 
_pdbx_struct_conn_angle.ptnr2_label_asym_id 
_pdbx_struct_conn_angle.ptnr2_label_comp_id 
_pdbx_struct_conn_angle.ptnr2_label_seq_id 
_pdbx_struct_conn_angle.ptnr2_auth_atom_id 
_pdbx_struct_conn_angle.ptnr2_auth_asym_id 
_pdbx_struct_conn_angle.ptnr2_auth_comp_id 
_pdbx_struct_conn_angle.ptnr2_auth_seq_id 
_pdbx_struct_conn_angle.ptnr2_PDB_ins_code 
_pdbx_struct_conn_angle.ptnr2_symmetry 
_pdbx_struct_conn_angle.ptnr3_label_atom_id 
_pdbx_struct_conn_angle.ptnr3_label_alt_id 
_pdbx_struct_conn_angle.ptnr3_label_asym_id 
_pdbx_struct_conn_angle.ptnr3_label_comp_id 
_pdbx_struct_conn_angle.ptnr3_label_seq_id 
_pdbx_struct_conn_angle.ptnr3_auth_atom_id 
_pdbx_struct_conn_angle.ptnr3_auth_asym_id 
_pdbx_struct_conn_angle.ptnr3_auth_comp_id 
_pdbx_struct_conn_angle.ptnr3_auth_seq_id 
_pdbx_struct_conn_angle.ptnr3_PDB_ins_code 
_pdbx_struct_conn_angle.ptnr3_symmetry 
_pdbx_struct_conn_angle.value 
_pdbx_struct_conn_angle.value_esd 
1  N7 ? A DG  6  ? A DG  6  ? 1_555 PT ? C PT . ? A PT 41 ? 1_555 O6 ? A DG  6  ? A DG  6   ? 1_555 60.9  ? 
2  N7 ? A DG  6  ? A DG  6  ? 1_555 PT ? C PT . ? A PT 41 ? 1_555 N7 ? A DG  7  ? A DG  7   ? 1_555 98.4  ? 
3  O6 ? A DG  6  ? A DG  6  ? 1_555 PT ? C PT . ? A PT 41 ? 1_555 N7 ? A DG  7  ? A DG  7   ? 1_555 77.7  ? 
4  N7 ? A DG  6  ? A DG  6  ? 1_555 PT ? C PT . ? A PT 41 ? 1_555 O6 ? A DG  7  ? A DG  7   ? 1_555 112.4 ? 
5  O6 ? A DG  6  ? A DG  6  ? 1_555 PT ? C PT . ? A PT 41 ? 1_555 O6 ? A DG  7  ? A DG  7   ? 1_555 51.6  ? 
6  N7 ? A DG  7  ? A DG  7  ? 1_555 PT ? C PT . ? A PT 41 ? 1_555 O6 ? A DG  7  ? A DG  7   ? 1_555 65.4  ? 
7  N7 ? A DG  6  ? A DG  6  ? 1_555 PT ? C PT . ? A PT 41 ? 1_555 N1 ? D DNH .  ? A DNH 40  ? 1_555 155.0 ? 
8  O6 ? A DG  6  ? A DG  6  ? 1_555 PT ? C PT . ? A PT 41 ? 1_555 N1 ? D DNH .  ? A DNH 40  ? 1_555 104.6 ? 
9  N7 ? A DG  7  ? A DG  7  ? 1_555 PT ? C PT . ? A PT 41 ? 1_555 N1 ? D DNH .  ? A DNH 40  ? 1_555 97.8  ? 
10 O6 ? A DG  7  ? A DG  7  ? 1_555 PT ? C PT . ? A PT 41 ? 1_555 N1 ? D DNH .  ? A DNH 40  ? 1_555 58.6  ? 
11 N7 ? A DG  6  ? A DG  6  ? 1_555 PT ? C PT . ? A PT 41 ? 1_555 N2 ? D DNH .  ? A DNH 40  ? 1_555 79.6  ? 
12 O6 ? A DG  6  ? A DG  6  ? 1_555 PT ? C PT . ? A PT 41 ? 1_555 N2 ? D DNH .  ? A DNH 40  ? 1_555 100.8 ? 
13 N7 ? A DG  7  ? A DG  7  ? 1_555 PT ? C PT . ? A PT 41 ? 1_555 N2 ? D DNH .  ? A DNH 40  ? 1_555 177.9 ? 
14 O6 ? A DG  7  ? A DG  7  ? 1_555 PT ? C PT . ? A PT 41 ? 1_555 N2 ? D DNH .  ? A DNH 40  ? 1_555 114.9 ? 
15 N1 ? D DNH .  ? A DNH 40 ? 1_555 PT ? C PT . ? A PT 41 ? 1_555 N2 ? D DNH .  ? A DNH 40  ? 1_555 84.0  ? 
16 N7 ? B DA  10 ? B DA  10 ? 1_555 BA ? E BA . ? B BA 42 ? 1_555 O6 ? B DG  11 ? B DG  11  ? 1_555 90.2  ? 
17 N7 ? B DA  10 ? B DA  10 ? 1_555 BA ? E BA . ? B BA 42 ? 1_555 N7 ? B DG  11 ? B DG  11  ? 1_555 69.3  ? 
18 O6 ? B DG  11 ? B DG  11 ? 1_555 BA ? E BA . ? B BA 42 ? 1_555 N7 ? B DG  11 ? B DG  11  ? 1_555 65.9  ? 
19 N7 ? B DA  10 ? B DA  10 ? 1_555 BA ? E BA . ? B BA 42 ? 1_555 O  ? G HOH .  ? B HOH 107 ? 1_555 137.4 ? 
20 O6 ? B DG  11 ? B DG  11 ? 1_555 BA ? E BA . ? B BA 42 ? 1_555 O  ? G HOH .  ? B HOH 107 ? 1_555 86.1  ? 
21 N7 ? B DG  11 ? B DG  11 ? 1_555 BA ? E BA . ? B BA 42 ? 1_555 O  ? G HOH .  ? B HOH 107 ? 1_555 70.6  ? 
# 
loop_
_struct_site.id 
_struct_site.pdbx_evidence_code 
_struct_site.pdbx_auth_asym_id 
_struct_site.pdbx_auth_comp_id 
_struct_site.pdbx_auth_seq_id 
_struct_site.pdbx_auth_ins_code 
_struct_site.pdbx_num_residues 
_struct_site.details 
AC1 Software A PT  41 ? 3 'BINDING SITE FOR RESIDUE PT A 41'  
AC2 Software B BA  42 ? 3 'BINDING SITE FOR RESIDUE BA B 42'  
AC3 Software A DNH 40 ? 4 'BINDING SITE FOR RESIDUE DNH A 40' 
1   ?        ? ?   ?  ? ? ?                                   
# 
loop_
_struct_site_gen.id 
_struct_site_gen.site_id 
_struct_site_gen.pdbx_num_res 
_struct_site_gen.label_comp_id 
_struct_site_gen.label_asym_id 
_struct_site_gen.label_seq_id 
_struct_site_gen.pdbx_auth_ins_code 
_struct_site_gen.auth_comp_id 
_struct_site_gen.auth_asym_id 
_struct_site_gen.auth_seq_id 
_struct_site_gen.label_atom_id 
_struct_site_gen.label_alt_id 
_struct_site_gen.symmetry 
_struct_site_gen.details 
1  AC1 3 DG  A 6  ? DG  A 6   . ? 1_555 ? 
2  AC1 3 DG  A 7  ? DG  A 7   . ? 1_555 ? 
3  AC1 3 DNH D .  ? DNH A 40  . ? 1_555 ? 
4  AC2 3 DA  B 10 ? DA  B 10  . ? 1_555 ? 
5  AC2 3 DG  B 11 ? DG  B 11  . ? 1_555 ? 
6  AC2 3 HOH G .  ? HOH B 107 . ? 1_555 ? 
7  AC3 4 DT  A 5  ? DT  A 5   . ? 1_555 ? 
8  AC3 4 DG  A 6  ? DG  A 6   . ? 1_555 ? 
9  AC3 4 DG  A 7  ? DG  A 7   . ? 1_555 ? 
10 AC3 4 PT  C .  ? PT  A 41  . ? 1_555 ? 
# 
loop_
_pdbx_validate_rmsd_angle.id 
_pdbx_validate_rmsd_angle.PDB_model_num 
_pdbx_validate_rmsd_angle.auth_atom_id_1 
_pdbx_validate_rmsd_angle.auth_asym_id_1 
_pdbx_validate_rmsd_angle.auth_comp_id_1 
_pdbx_validate_rmsd_angle.auth_seq_id_1 
_pdbx_validate_rmsd_angle.PDB_ins_code_1 
_pdbx_validate_rmsd_angle.label_alt_id_1 
_pdbx_validate_rmsd_angle.auth_atom_id_2 
_pdbx_validate_rmsd_angle.auth_asym_id_2 
_pdbx_validate_rmsd_angle.auth_comp_id_2 
_pdbx_validate_rmsd_angle.auth_seq_id_2 
_pdbx_validate_rmsd_angle.PDB_ins_code_2 
_pdbx_validate_rmsd_angle.label_alt_id_2 
_pdbx_validate_rmsd_angle.auth_atom_id_3 
_pdbx_validate_rmsd_angle.auth_asym_id_3 
_pdbx_validate_rmsd_angle.auth_comp_id_3 
_pdbx_validate_rmsd_angle.auth_seq_id_3 
_pdbx_validate_rmsd_angle.PDB_ins_code_3 
_pdbx_validate_rmsd_angle.label_alt_id_3 
_pdbx_validate_rmsd_angle.angle_value 
_pdbx_validate_rmsd_angle.angle_target_value 
_pdbx_validate_rmsd_angle.angle_deviation 
_pdbx_validate_rmsd_angle.angle_standard_deviation 
_pdbx_validate_rmsd_angle.linker_flag 
1 1 "O4'" A DC 1  ? ? "C1'" A DC 1  ? ? N1    A DC 1  ? ? 111.40 108.30 3.10  0.30 N 
2 1 "C3'" B DG 2  ? ? "C2'" B DG 2  ? ? "C1'" B DG 2  ? ? 96.86  102.40 -5.54 0.80 N 
3 1 "C3'" B DG 4  ? ? "C2'" B DG 4  ? ? "C1'" B DG 4  ? ? 97.52  102.40 -4.88 0.80 N 
4 1 "O4'" B DG 4  ? ? "C1'" B DG 4  ? ? N9    B DG 4  ? ? 113.12 108.30 4.82  0.30 N 
5 1 "O4'" B DA 8  ? ? "C4'" B DA 8  ? ? "C3'" B DA 8  ? ? 99.35  104.50 -5.15 0.40 N 
6 1 "C5'" B DA 8  ? ? "C4'" B DA 8  ? ? "C3'" B DA 8  ? ? 123.51 115.70 7.81  1.20 N 
7 1 "O4'" B DA 8  ? ? "C1'" B DA 8  ? ? N9    B DA 8  ? ? 110.83 108.30 2.53  0.30 N 
8 1 "O4'" B DA 10 ? ? "C1'" B DA 10 ? ? N9    B DA 10 ? ? 103.46 108.00 -4.54 0.70 N 
9 1 "O4'" B DG 11 ? ? "C1'" B DG 11 ? ? N9    B DG 11 ? ? 110.53 108.30 2.23  0.30 N 
# 
_struct_site_keywords.site_id   1 
_struct_site_keywords.text      'COVALENT PT-N BONDS' 
# 
loop_
_chem_comp_atom.comp_id 
_chem_comp_atom.atom_id 
_chem_comp_atom.type_symbol 
_chem_comp_atom.pdbx_aromatic_flag 
_chem_comp_atom.pdbx_stereo_config 
_chem_comp_atom.pdbx_ordinal 
BA  BA     BA N N 1   
DA  OP3    O  N N 2   
DA  P      P  N N 3   
DA  OP1    O  N N 4   
DA  OP2    O  N N 5   
DA  "O5'"  O  N N 6   
DA  "C5'"  C  N N 7   
DA  "C4'"  C  N R 8   
DA  "O4'"  O  N N 9   
DA  "C3'"  C  N S 10  
DA  "O3'"  O  N N 11  
DA  "C2'"  C  N N 12  
DA  "C1'"  C  N R 13  
DA  N9     N  Y N 14  
DA  C8     C  Y N 15  
DA  N7     N  Y N 16  
DA  C5     C  Y N 17  
DA  C6     C  Y N 18  
DA  N6     N  N N 19  
DA  N1     N  Y N 20  
DA  C2     C  Y N 21  
DA  N3     N  Y N 22  
DA  C4     C  Y N 23  
DA  HOP3   H  N N 24  
DA  HOP2   H  N N 25  
DA  "H5'"  H  N N 26  
DA  "H5''" H  N N 27  
DA  "H4'"  H  N N 28  
DA  "H3'"  H  N N 29  
DA  "HO3'" H  N N 30  
DA  "H2'"  H  N N 31  
DA  "H2''" H  N N 32  
DA  "H1'"  H  N N 33  
DA  H8     H  N N 34  
DA  H61    H  N N 35  
DA  H62    H  N N 36  
DA  H2     H  N N 37  
DC  OP3    O  N N 38  
DC  P      P  N N 39  
DC  OP1    O  N N 40  
DC  OP2    O  N N 41  
DC  "O5'"  O  N N 42  
DC  "C5'"  C  N N 43  
DC  "C4'"  C  N R 44  
DC  "O4'"  O  N N 45  
DC  "C3'"  C  N S 46  
DC  "O3'"  O  N N 47  
DC  "C2'"  C  N N 48  
DC  "C1'"  C  N R 49  
DC  N1     N  N N 50  
DC  C2     C  N N 51  
DC  O2     O  N N 52  
DC  N3     N  N N 53  
DC  C4     C  N N 54  
DC  N4     N  N N 55  
DC  C5     C  N N 56  
DC  C6     C  N N 57  
DC  HOP3   H  N N 58  
DC  HOP2   H  N N 59  
DC  "H5'"  H  N N 60  
DC  "H5''" H  N N 61  
DC  "H4'"  H  N N 62  
DC  "H3'"  H  N N 63  
DC  "HO3'" H  N N 64  
DC  "H2'"  H  N N 65  
DC  "H2''" H  N N 66  
DC  "H1'"  H  N N 67  
DC  H41    H  N N 68  
DC  H42    H  N N 69  
DC  H5     H  N N 70  
DC  H6     H  N N 71  
DG  OP3    O  N N 72  
DG  P      P  N N 73  
DG  OP1    O  N N 74  
DG  OP2    O  N N 75  
DG  "O5'"  O  N N 76  
DG  "C5'"  C  N N 77  
DG  "C4'"  C  N R 78  
DG  "O4'"  O  N N 79  
DG  "C3'"  C  N S 80  
DG  "O3'"  O  N N 81  
DG  "C2'"  C  N N 82  
DG  "C1'"  C  N R 83  
DG  N9     N  Y N 84  
DG  C8     C  Y N 85  
DG  N7     N  Y N 86  
DG  C5     C  Y N 87  
DG  C6     C  N N 88  
DG  O6     O  N N 89  
DG  N1     N  N N 90  
DG  C2     C  N N 91  
DG  N2     N  N N 92  
DG  N3     N  N N 93  
DG  C4     C  Y N 94  
DG  HOP3   H  N N 95  
DG  HOP2   H  N N 96  
DG  "H5'"  H  N N 97  
DG  "H5''" H  N N 98  
DG  "H4'"  H  N N 99  
DG  "H3'"  H  N N 100 
DG  "HO3'" H  N N 101 
DG  "H2'"  H  N N 102 
DG  "H2''" H  N N 103 
DG  "H1'"  H  N N 104 
DG  H8     H  N N 105 
DG  H1     H  N N 106 
DG  H21    H  N N 107 
DG  H22    H  N N 108 
DNH C7     C  N N 109 
DNH C8     C  N N 110 
DNH C3     C  N R 111 
DNH C4     C  N R 112 
DNH C5     C  N N 113 
DNH C6     C  N N 114 
DNH N1     N  N N 115 
DNH N2     N  N N 116 
DNH H71    H  N N 117 
DNH H72    H  N N 118 
DNH H81    H  N N 119 
DNH H82    H  N N 120 
DNH H3     H  N N 121 
DNH H4     H  N N 122 
DNH H51    H  N N 123 
DNH H52    H  N N 124 
DNH H61    H  N N 125 
DNH H62    H  N N 126 
DNH H11    H  N N 127 
DNH H12    H  N N 128 
DNH H21    H  N N 129 
DNH H22    H  N N 130 
DT  OP3    O  N N 131 
DT  P      P  N N 132 
DT  OP1    O  N N 133 
DT  OP2    O  N N 134 
DT  "O5'"  O  N N 135 
DT  "C5'"  C  N N 136 
DT  "C4'"  C  N R 137 
DT  "O4'"  O  N N 138 
DT  "C3'"  C  N S 139 
DT  "O3'"  O  N N 140 
DT  "C2'"  C  N N 141 
DT  "C1'"  C  N R 142 
DT  N1     N  N N 143 
DT  C2     C  N N 144 
DT  O2     O  N N 145 
DT  N3     N  N N 146 
DT  C4     C  N N 147 
DT  O4     O  N N 148 
DT  C5     C  N N 149 
DT  C7     C  N N 150 
DT  C6     C  N N 151 
DT  HOP3   H  N N 152 
DT  HOP2   H  N N 153 
DT  "H5'"  H  N N 154 
DT  "H5''" H  N N 155 
DT  "H4'"  H  N N 156 
DT  "H3'"  H  N N 157 
DT  "HO3'" H  N N 158 
DT  "H2'"  H  N N 159 
DT  "H2''" H  N N 160 
DT  "H1'"  H  N N 161 
DT  H3     H  N N 162 
DT  H71    H  N N 163 
DT  H72    H  N N 164 
DT  H73    H  N N 165 
DT  H6     H  N N 166 
HOH O      O  N N 167 
HOH H1     H  N N 168 
HOH H2     H  N N 169 
PT  PT     PT N N 170 
# 
loop_
_chem_comp_bond.comp_id 
_chem_comp_bond.atom_id_1 
_chem_comp_bond.atom_id_2 
_chem_comp_bond.value_order 
_chem_comp_bond.pdbx_aromatic_flag 
_chem_comp_bond.pdbx_stereo_config 
_chem_comp_bond.pdbx_ordinal 
DA  OP3   P      sing N N 1   
DA  OP3   HOP3   sing N N 2   
DA  P     OP1    doub N N 3   
DA  P     OP2    sing N N 4   
DA  P     "O5'"  sing N N 5   
DA  OP2   HOP2   sing N N 6   
DA  "O5'" "C5'"  sing N N 7   
DA  "C5'" "C4'"  sing N N 8   
DA  "C5'" "H5'"  sing N N 9   
DA  "C5'" "H5''" sing N N 10  
DA  "C4'" "O4'"  sing N N 11  
DA  "C4'" "C3'"  sing N N 12  
DA  "C4'" "H4'"  sing N N 13  
DA  "O4'" "C1'"  sing N N 14  
DA  "C3'" "O3'"  sing N N 15  
DA  "C3'" "C2'"  sing N N 16  
DA  "C3'" "H3'"  sing N N 17  
DA  "O3'" "HO3'" sing N N 18  
DA  "C2'" "C1'"  sing N N 19  
DA  "C2'" "H2'"  sing N N 20  
DA  "C2'" "H2''" sing N N 21  
DA  "C1'" N9     sing N N 22  
DA  "C1'" "H1'"  sing N N 23  
DA  N9    C8     sing Y N 24  
DA  N9    C4     sing Y N 25  
DA  C8    N7     doub Y N 26  
DA  C8    H8     sing N N 27  
DA  N7    C5     sing Y N 28  
DA  C5    C6     sing Y N 29  
DA  C5    C4     doub Y N 30  
DA  C6    N6     sing N N 31  
DA  C6    N1     doub Y N 32  
DA  N6    H61    sing N N 33  
DA  N6    H62    sing N N 34  
DA  N1    C2     sing Y N 35  
DA  C2    N3     doub Y N 36  
DA  C2    H2     sing N N 37  
DA  N3    C4     sing Y N 38  
DC  OP3   P      sing N N 39  
DC  OP3   HOP3   sing N N 40  
DC  P     OP1    doub N N 41  
DC  P     OP2    sing N N 42  
DC  P     "O5'"  sing N N 43  
DC  OP2   HOP2   sing N N 44  
DC  "O5'" "C5'"  sing N N 45  
DC  "C5'" "C4'"  sing N N 46  
DC  "C5'" "H5'"  sing N N 47  
DC  "C5'" "H5''" sing N N 48  
DC  "C4'" "O4'"  sing N N 49  
DC  "C4'" "C3'"  sing N N 50  
DC  "C4'" "H4'"  sing N N 51  
DC  "O4'" "C1'"  sing N N 52  
DC  "C3'" "O3'"  sing N N 53  
DC  "C3'" "C2'"  sing N N 54  
DC  "C3'" "H3'"  sing N N 55  
DC  "O3'" "HO3'" sing N N 56  
DC  "C2'" "C1'"  sing N N 57  
DC  "C2'" "H2'"  sing N N 58  
DC  "C2'" "H2''" sing N N 59  
DC  "C1'" N1     sing N N 60  
DC  "C1'" "H1'"  sing N N 61  
DC  N1    C2     sing N N 62  
DC  N1    C6     sing N N 63  
DC  C2    O2     doub N N 64  
DC  C2    N3     sing N N 65  
DC  N3    C4     doub N N 66  
DC  C4    N4     sing N N 67  
DC  C4    C5     sing N N 68  
DC  N4    H41    sing N N 69  
DC  N4    H42    sing N N 70  
DC  C5    C6     doub N N 71  
DC  C5    H5     sing N N 72  
DC  C6    H6     sing N N 73  
DG  OP3   P      sing N N 74  
DG  OP3   HOP3   sing N N 75  
DG  P     OP1    doub N N 76  
DG  P     OP2    sing N N 77  
DG  P     "O5'"  sing N N 78  
DG  OP2   HOP2   sing N N 79  
DG  "O5'" "C5'"  sing N N 80  
DG  "C5'" "C4'"  sing N N 81  
DG  "C5'" "H5'"  sing N N 82  
DG  "C5'" "H5''" sing N N 83  
DG  "C4'" "O4'"  sing N N 84  
DG  "C4'" "C3'"  sing N N 85  
DG  "C4'" "H4'"  sing N N 86  
DG  "O4'" "C1'"  sing N N 87  
DG  "C3'" "O3'"  sing N N 88  
DG  "C3'" "C2'"  sing N N 89  
DG  "C3'" "H3'"  sing N N 90  
DG  "O3'" "HO3'" sing N N 91  
DG  "C2'" "C1'"  sing N N 92  
DG  "C2'" "H2'"  sing N N 93  
DG  "C2'" "H2''" sing N N 94  
DG  "C1'" N9     sing N N 95  
DG  "C1'" "H1'"  sing N N 96  
DG  N9    C8     sing Y N 97  
DG  N9    C4     sing Y N 98  
DG  C8    N7     doub Y N 99  
DG  C8    H8     sing N N 100 
DG  N7    C5     sing Y N 101 
DG  C5    C6     sing N N 102 
DG  C5    C4     doub Y N 103 
DG  C6    O6     doub N N 104 
DG  C6    N1     sing N N 105 
DG  N1    C2     sing N N 106 
DG  N1    H1     sing N N 107 
DG  C2    N2     sing N N 108 
DG  C2    N3     doub N N 109 
DG  N2    H21    sing N N 110 
DG  N2    H22    sing N N 111 
DG  N3    C4     sing N N 112 
DNH C7    C8     sing N N 113 
DNH C7    C5     sing N N 114 
DNH C7    H71    sing N N 115 
DNH C7    H72    sing N N 116 
DNH C8    C6     sing N N 117 
DNH C8    H81    sing N N 118 
DNH C8    H82    sing N N 119 
DNH C3    C4     sing N N 120 
DNH C3    C5     sing N N 121 
DNH C3    N1     sing N N 122 
DNH C3    H3     sing N N 123 
DNH C4    C6     sing N N 124 
DNH C4    N2     sing N N 125 
DNH C4    H4     sing N N 126 
DNH C5    H51    sing N N 127 
DNH C5    H52    sing N N 128 
DNH C6    H61    sing N N 129 
DNH C6    H62    sing N N 130 
DNH N1    H11    sing N N 131 
DNH N1    H12    sing N N 132 
DNH N2    H21    sing N N 133 
DNH N2    H22    sing N N 134 
DT  OP3   P      sing N N 135 
DT  OP3   HOP3   sing N N 136 
DT  P     OP1    doub N N 137 
DT  P     OP2    sing N N 138 
DT  P     "O5'"  sing N N 139 
DT  OP2   HOP2   sing N N 140 
DT  "O5'" "C5'"  sing N N 141 
DT  "C5'" "C4'"  sing N N 142 
DT  "C5'" "H5'"  sing N N 143 
DT  "C5'" "H5''" sing N N 144 
DT  "C4'" "O4'"  sing N N 145 
DT  "C4'" "C3'"  sing N N 146 
DT  "C4'" "H4'"  sing N N 147 
DT  "O4'" "C1'"  sing N N 148 
DT  "C3'" "O3'"  sing N N 149 
DT  "C3'" "C2'"  sing N N 150 
DT  "C3'" "H3'"  sing N N 151 
DT  "O3'" "HO3'" sing N N 152 
DT  "C2'" "C1'"  sing N N 153 
DT  "C2'" "H2'"  sing N N 154 
DT  "C2'" "H2''" sing N N 155 
DT  "C1'" N1     sing N N 156 
DT  "C1'" "H1'"  sing N N 157 
DT  N1    C2     sing N N 158 
DT  N1    C6     sing N N 159 
DT  C2    O2     doub N N 160 
DT  C2    N3     sing N N 161 
DT  N3    C4     sing N N 162 
DT  N3    H3     sing N N 163 
DT  C4    O4     doub N N 164 
DT  C4    C5     sing N N 165 
DT  C5    C7     sing N N 166 
DT  C5    C6     doub N N 167 
DT  C7    H71    sing N N 168 
DT  C7    H72    sing N N 169 
DT  C7    H73    sing N N 170 
DT  C6    H6     sing N N 171 
HOH O     H1     sing N N 172 
HOH O     H2     sing N N 173 
# 
loop_
_ndb_struct_conf_na.entry_id 
_ndb_struct_conf_na.feature 
1IHH 'double helix'        
1IHH 'a-form double helix' 
1IHH 'b-form double helix' 
# 
loop_
_ndb_struct_na_base_pair.model_number 
_ndb_struct_na_base_pair.i_label_asym_id 
_ndb_struct_na_base_pair.i_label_comp_id 
_ndb_struct_na_base_pair.i_label_seq_id 
_ndb_struct_na_base_pair.i_symmetry 
_ndb_struct_na_base_pair.j_label_asym_id 
_ndb_struct_na_base_pair.j_label_comp_id 
_ndb_struct_na_base_pair.j_label_seq_id 
_ndb_struct_na_base_pair.j_symmetry 
_ndb_struct_na_base_pair.shear 
_ndb_struct_na_base_pair.stretch 
_ndb_struct_na_base_pair.stagger 
_ndb_struct_na_base_pair.buckle 
_ndb_struct_na_base_pair.propeller 
_ndb_struct_na_base_pair.opening 
_ndb_struct_na_base_pair.pair_number 
_ndb_struct_na_base_pair.pair_name 
_ndb_struct_na_base_pair.i_auth_asym_id 
_ndb_struct_na_base_pair.i_auth_seq_id 
_ndb_struct_na_base_pair.i_PDB_ins_code 
_ndb_struct_na_base_pair.j_auth_asym_id 
_ndb_struct_na_base_pair.j_auth_seq_id 
_ndb_struct_na_base_pair.j_PDB_ins_code 
_ndb_struct_na_base_pair.hbond_type_28 
_ndb_struct_na_base_pair.hbond_type_12 
1 A DC 1  1_555 B DG 12 1_555 0.199  -0.281 -0.573 8.211   -0.914  0.048  1  A_DC1:DG12_B A 1  ? B 12 ? 19 1 
1 A DC 2  1_555 B DG 11 1_555 0.035  -0.297 0.081  -1.329  -11.546 -5.580 2  A_DC2:DG11_B A 2  ? B 11 ? 19 1 
1 A DT 3  1_555 B DA 10 1_555 0.001  -0.259 0.347  -10.893 -12.256 -2.040 3  A_DT3:DA10_B A 3  ? B 10 ? 20 1 
1 A DC 4  1_555 B DG 9  1_555 -0.167 -0.322 0.568  -8.942  -5.182  -3.996 4  A_DC4:DG9_B  A 4  ? B 9  ? 19 1 
1 A DT 5  1_555 B DA 8  1_555 0.115  -0.276 0.082  5.335   -2.918  2.182  5  A_DT5:DA8_B  A 5  ? B 8  ? 20 1 
1 A DG 6  1_555 B DC 7  1_555 -0.100 -0.342 0.291  19.330  -17.841 -3.289 6  A_DG6:DC7_B  A 6  ? B 7  ? 19 1 
1 A DG 7  1_555 B DC 6  1_555 0.260  -0.324 0.285  2.747   -17.927 1.110  7  A_DG7:DC6_B  A 7  ? B 6  ? 19 1 
1 A DT 8  1_555 B DA 5  1_555 0.050  -0.210 0.167  -9.682  -13.668 2.614  8  A_DT8:DA5_B  A 8  ? B 5  ? 20 1 
1 A DC 9  1_555 B DG 4  1_555 0.319  -0.249 0.290  -23.546 -2.091  -1.633 9  A_DC9:DG4_B  A 9  ? B 4  ? 19 1 
1 A DT 10 1_555 B DA 3  1_555 0.077  -0.133 0.164  -9.328  -3.804  -7.841 10 A_DT10:DA3_B A 10 ? B 3  ? 20 1 
1 A DC 11 1_555 B DG 2  1_555 -0.671 -0.356 -0.207 -1.891  -7.228  -6.778 11 A_DC11:DG2_B A 11 ? B 2  ? 19 1 
1 A DC 12 1_555 B DG 1  1_555 -0.139 -0.298 0.207  -2.480  -2.913  1.343  12 A_DC12:DG1_B A 12 ? B 1  ? 19 1 
# 
loop_
_ndb_struct_na_base_pair_step.model_number 
_ndb_struct_na_base_pair_step.i_label_asym_id_1 
_ndb_struct_na_base_pair_step.i_label_comp_id_1 
_ndb_struct_na_base_pair_step.i_label_seq_id_1 
_ndb_struct_na_base_pair_step.i_symmetry_1 
_ndb_struct_na_base_pair_step.j_label_asym_id_1 
_ndb_struct_na_base_pair_step.j_label_comp_id_1 
_ndb_struct_na_base_pair_step.j_label_seq_id_1 
_ndb_struct_na_base_pair_step.j_symmetry_1 
_ndb_struct_na_base_pair_step.i_label_asym_id_2 
_ndb_struct_na_base_pair_step.i_label_comp_id_2 
_ndb_struct_na_base_pair_step.i_label_seq_id_2 
_ndb_struct_na_base_pair_step.i_symmetry_2 
_ndb_struct_na_base_pair_step.j_label_asym_id_2 
_ndb_struct_na_base_pair_step.j_label_comp_id_2 
_ndb_struct_na_base_pair_step.j_label_seq_id_2 
_ndb_struct_na_base_pair_step.j_symmetry_2 
_ndb_struct_na_base_pair_step.shift 
_ndb_struct_na_base_pair_step.slide 
_ndb_struct_na_base_pair_step.rise 
_ndb_struct_na_base_pair_step.tilt 
_ndb_struct_na_base_pair_step.roll 
_ndb_struct_na_base_pair_step.twist 
_ndb_struct_na_base_pair_step.x_displacement 
_ndb_struct_na_base_pair_step.y_displacement 
_ndb_struct_na_base_pair_step.helical_rise 
_ndb_struct_na_base_pair_step.inclination 
_ndb_struct_na_base_pair_step.tip 
_ndb_struct_na_base_pair_step.helical_twist 
_ndb_struct_na_base_pair_step.step_number 
_ndb_struct_na_base_pair_step.step_name 
_ndb_struct_na_base_pair_step.i_auth_asym_id_1 
_ndb_struct_na_base_pair_step.i_auth_seq_id_1 
_ndb_struct_na_base_pair_step.i_PDB_ins_code_1 
_ndb_struct_na_base_pair_step.j_auth_asym_id_1 
_ndb_struct_na_base_pair_step.j_auth_seq_id_1 
_ndb_struct_na_base_pair_step.j_PDB_ins_code_1 
_ndb_struct_na_base_pair_step.i_auth_asym_id_2 
_ndb_struct_na_base_pair_step.i_auth_seq_id_2 
_ndb_struct_na_base_pair_step.i_PDB_ins_code_2 
_ndb_struct_na_base_pair_step.j_auth_asym_id_2 
_ndb_struct_na_base_pair_step.j_auth_seq_id_2 
_ndb_struct_na_base_pair_step.j_PDB_ins_code_2 
1 A DC 1  1_555 B DG 12 1_555 A DC 2  1_555 B DG 11 1_555 -0.789 -2.421 3.580 -5.463 6.475  31.595 -5.471 0.415  3.125 11.632 
9.815   32.683 1  AA_DC1DC2:DG11DG12_BB A 1  ? B 12 ? A 2  ? B 11 ? 
1 A DC 2  1_555 B DG 11 1_555 A DT 3  1_555 B DA 10 1_555 -0.552 -1.110 3.442 -1.214 7.854  31.067 -3.448 0.778  3.095 14.370 
2.221   32.043 2  AA_DC2DT3:DA10DG11_BB A 2  ? B 11 ? A 3  ? B 10 ? 
1 A DT 3  1_555 B DA 10 1_555 A DC 4  1_555 B DG 9  1_555 0.498  -1.671 3.123 -0.887 4.337  32.474 -3.650 -1.023 2.868 7.710  
1.577   32.766 3  AA_DT3DC4:DG9DA10_BB  A 3  ? B 10 ? A 4  ? B 9  ? 
1 A DC 4  1_555 B DG 9  1_555 A DT 5  1_555 B DA 8  1_555 -0.058 -1.487 2.777 3.034  1.782  34.852 -2.695 0.478  2.685 2.965  
-5.050  35.024 4  AA_DC4DT5:DA8DG9_BB   A 4  ? B 9  ? A 5  ? B 8  ? 
1 A DT 5  1_555 B DA 8  1_555 A DG 6  1_555 B DC 7  1_555 -0.714 -1.644 3.138 -1.221 8.067  21.212 -6.724 1.428  2.394 20.942 
3.169   22.710 5  AA_DT5DG6:DC7DA8_BB   A 5  ? B 8  ? A 6  ? B 7  ? 
1 A DG 6  1_555 B DC 7  1_555 A DG 7  1_555 B DC 6  1_555 1.054  -1.734 3.441 1.434  21.844 34.573 -4.711 -1.368 2.072 32.986 
-2.165  40.741 6  AA_DG6DG7:DC6DC7_BB   A 6  ? B 7  ? A 7  ? B 6  ? 
1 A DG 7  1_555 B DC 6  1_555 A DT 8  1_555 B DA 5  1_555 -0.193 -1.385 3.648 3.355  1.124  33.319 -2.608 0.946  3.565 1.953  
-5.830  33.501 7  AA_DG7DT8:DA5DC6_BB   A 7  ? B 6  ? A 8  ? B 5  ? 
1 A DT 8  1_555 B DA 5  1_555 A DC 9  1_555 B DG 4  1_555 0.277  -0.628 3.488 2.840  3.151  41.919 -1.219 -0.075 3.445 4.390  
-3.957  42.124 8  AA_DT8DC9:DG4DA5_BB   A 8  ? B 5  ? A 9  ? B 4  ? 
1 A DC 9  1_555 B DG 4  1_555 A DT 10 1_555 B DA 3  1_555 -1.030 -0.556 3.076 2.570  3.074  25.923 -1.985 2.904  2.878 6.799  
-5.685  26.226 9  AA_DC9DT10:DA3DG4_BB  A 9  ? B 4  ? A 10 ? B 3  ? 
1 A DT 10 1_555 B DA 3  1_555 A DC 11 1_555 B DG 2  1_555 0.495  -0.235 3.057 6.463  -3.071 33.592 0.060  0.126  3.105 -5.240 
-11.027 34.324 10 AA_DT10DC11:DG2DA3_BB A 10 ? B 3  ? A 11 ? B 2  ? 
1 A DC 11 1_555 B DG 2  1_555 A DC 12 1_555 B DG 1  1_555 0.478  -0.171 3.458 -1.990 3.840  31.900 -1.029 -1.235 3.380 6.947  
3.601   32.185 11 AA_DC11DC12:DG1DG2_BB A 11 ? B 2  ? A 12 ? B 1  ? 
# 
_atom_sites.entry_id                    1IHH 
_atom_sites.fract_transf_matrix[1][1]   0.00506403 
_atom_sites.fract_transf_matrix[1][2]   0.02104047 
_atom_sites.fract_transf_matrix[1][3]   -0.01000476 
_atom_sites.fract_transf_matrix[2][1]   -0.01280631 
_atom_sites.fract_transf_matrix[2][2]   -0.00369498 
_atom_sites.fract_transf_matrix[2][3]   -0.01425278 
_atom_sites.fract_transf_matrix[3][1]   -0.00831755 
_atom_sites.fract_transf_matrix[3][2]   0.00494581 
_atom_sites.fract_transf_matrix[3][3]   0.00619124 
_atom_sites.fract_transf_vector[1]      0.283031 
_atom_sites.fract_transf_vector[2]      0.168341 
_atom_sites.fract_transf_vector[3]      0.186628 
# 
loop_
_atom_type.symbol 
BA 
C  
N  
O  
P  
PT 
# 
loop_
_atom_site.group_PDB 
_atom_site.id 
_atom_site.type_symbol 
_atom_site.label_atom_id 
_atom_site.label_alt_id 
_atom_site.label_comp_id 
_atom_site.label_asym_id 
_atom_site.label_entity_id 
_atom_site.label_seq_id 
_atom_site.pdbx_PDB_ins_code 
_atom_site.Cartn_x 
_atom_site.Cartn_y 
_atom_site.Cartn_z 
_atom_site.occupancy 
_atom_site.B_iso_or_equiv 
_atom_site.pdbx_formal_charge 
_atom_site.auth_seq_id 
_atom_site.auth_comp_id 
_atom_site.auth_asym_id 
_atom_site.auth_atom_id 
_atom_site.pdbx_PDB_model_num 
ATOM   1   O  "O5'" . DC  A 1 1  ? -6.174  6.858   -11.288 1.00 69.88  ? 1   DC  A "O5'" 1 
ATOM   2   C  "C5'" . DC  A 1 1  ? -5.126  7.751   -11.678 1.00 65.10  ? 1   DC  A "C5'" 1 
ATOM   3   C  "C4'" . DC  A 1 1  ? -5.135  9.000   -10.843 1.00 56.58  ? 1   DC  A "C4'" 1 
ATOM   4   O  "O4'" . DC  A 1 1  ? -6.494  9.504   -10.708 1.00 50.26  ? 1   DC  A "O4'" 1 
ATOM   5   C  "C3'" . DC  A 1 1  ? -4.680  8.861   -9.400  1.00 58.08  ? 1   DC  A "C3'" 1 
ATOM   6   O  "O3'" . DC  A 1 1  ? -3.269  8.786   -9.292  1.00 65.68  ? 1   DC  A "O3'" 1 
ATOM   7   C  "C2'" . DC  A 1 1  ? -5.260  10.119  -8.784  1.00 57.58  ? 1   DC  A "C2'" 1 
ATOM   8   C  "C1'" . DC  A 1 1  ? -6.590  10.258  -9.518  1.00 56.74  ? 1   DC  A "C1'" 1 
ATOM   9   N  N1    . DC  A 1 1  ? -7.703  9.778   -8.662  1.00 60.16  ? 1   DC  A N1    1 
ATOM   10  C  C2    . DC  A 1 1  ? -8.074  10.606  -7.595  1.00 60.19  ? 1   DC  A C2    1 
ATOM   11  O  O2    . DC  A 1 1  ? -7.437  11.666  -7.467  1.00 45.18  ? 1   DC  A O2    1 
ATOM   12  N  N3    . DC  A 1 1  ? -9.080  10.220  -6.779  1.00 56.34  ? 1   DC  A N3    1 
ATOM   13  C  C4    . DC  A 1 1  ? -9.705  9.058   -7.001  1.00 52.91  ? 1   DC  A C4    1 
ATOM   14  N  N4    . DC  A 1 1  ? -10.696 8.703   -6.178  1.00 39.82  ? 1   DC  A N4    1 
ATOM   15  C  C5    . DC  A 1 1  ? -9.343  8.200   -8.081  1.00 54.99  ? 1   DC  A C5    1 
ATOM   16  C  C6    . DC  A 1 1  ? -8.342  8.594   -8.883  1.00 56.22  ? 1   DC  A C6    1 
ATOM   17  P  P     . DC  A 1 2  ? -2.508  8.158   -8.022  1.00 62.53  ? 2   DC  A P     1 
ATOM   18  O  OP1   . DC  A 1 2  ? -1.099  7.867   -8.443  1.00 74.03  ? 2   DC  A OP1   1 
ATOM   19  O  OP2   . DC  A 1 2  ? -3.297  7.013   -7.486  1.00 72.43  ? 2   DC  A OP2   1 
ATOM   20  O  "O5'" . DC  A 1 2  ? -2.482  9.344   -6.947  1.00 52.90  ? 2   DC  A "O5'" 1 
ATOM   21  C  "C5'" . DC  A 1 2  ? -2.048  10.662  -7.285  1.00 36.82  ? 2   DC  A "C5'" 1 
ATOM   22  C  "C4'" . DC  A 1 2  ? -2.351  11.638  -6.175  1.00 48.66  ? 2   DC  A "C4'" 1 
ATOM   23  O  "O4'" . DC  A 1 2  ? -3.794  11.783  -6.010  1.00 47.20  ? 2   DC  A "O4'" 1 
ATOM   24  C  "C3'" . DC  A 1 2  ? -1.862  11.255  -4.791  1.00 46.75  ? 2   DC  A "C3'" 1 
ATOM   25  O  "O3'" . DC  A 1 2  ? -0.502  11.621  -4.595  1.00 49.91  ? 2   DC  A "O3'" 1 
ATOM   26  C  "C2'" . DC  A 1 2  ? -2.797  12.019  -3.876  1.00 44.53  ? 2   DC  A "C2'" 1 
ATOM   27  C  "C1'" . DC  A 1 2  ? -4.095  12.075  -4.650  1.00 43.11  ? 2   DC  A "C1'" 1 
ATOM   28  N  N1    . DC  A 1 2  ? -5.121  11.089  -4.225  1.00 34.73  ? 2   DC  A N1    1 
ATOM   29  C  C2    . DC  A 1 2  ? -5.787  11.258  -3.022  1.00 34.05  ? 2   DC  A C2    1 
ATOM   30  O  O2    . DC  A 1 2  ? -5.532  12.225  -2.297  1.00 41.94  ? 2   DC  A O2    1 
ATOM   31  N  N3    . DC  A 1 2  ? -6.726  10.357  -2.632  1.00 36.59  ? 2   DC  A N3    1 
ATOM   32  C  C4    . DC  A 1 2  ? -6.991  9.319   -3.426  1.00 37.38  ? 2   DC  A C4    1 
ATOM   33  N  N4    . DC  A 1 2  ? -7.919  8.455   -3.010  1.00 61.48  ? 2   DC  A N4    1 
ATOM   34  C  C5    . DC  A 1 2  ? -6.326  9.116   -4.666  1.00 41.11  ? 2   DC  A C5    1 
ATOM   35  C  C6    . DC  A 1 2  ? -5.401  10.019  -5.031  1.00 44.12  ? 2   DC  A C6    1 
ATOM   36  P  P     . DT  A 1 3  ? 0.538   10.594  -3.902  1.00 52.14  ? 3   DT  A P     1 
ATOM   37  O  OP1   . DT  A 1 3  ? 1.922   11.113  -4.158  1.00 96.75  ? 3   DT  A OP1   1 
ATOM   38  O  OP2   . DT  A 1 3  ? 0.226   9.236   -4.416  1.00 61.75  ? 3   DT  A OP2   1 
ATOM   39  O  "O5'" . DT  A 1 3  ? 0.247   10.743  -2.334  1.00 49.62  ? 3   DT  A "O5'" 1 
ATOM   40  C  "C5'" . DT  A 1 3  ? 0.528   12.002  -1.723  1.00 50.10  ? 3   DT  A "C5'" 1 
ATOM   41  C  "C4'" . DT  A 1 3  ? -0.248  12.264  -0.467  1.00 52.92  ? 3   DT  A "C4'" 1 
ATOM   42  O  "O4'" . DT  A 1 3  ? -1.697  12.243  -0.717  1.00 49.22  ? 3   DT  A "O4'" 1 
ATOM   43  C  "C3'" . DT  A 1 3  ? -0.092  11.249  0.655   1.00 46.62  ? 3   DT  A "C3'" 1 
ATOM   44  O  "O3'" . DT  A 1 3  ? 1.154   11.378  1.320   1.00 48.79  ? 3   DT  A "O3'" 1 
ATOM   45  C  "C2'" . DT  A 1 3  ? -1.280  11.589  1.538   1.00 41.22  ? 3   DT  A "C2'" 1 
ATOM   46  C  "C1'" . DT  A 1 3  ? -2.341  11.851  0.492   1.00 46.73  ? 3   DT  A "C1'" 1 
ATOM   47  N  N1    . DT  A 1 3  ? -3.156  10.670  0.130   1.00 54.45  ? 3   DT  A N1    1 
ATOM   48  C  C2    . DT  A 1 3  ? -4.062  10.165  1.024   1.00 52.96  ? 3   DT  A C2    1 
ATOM   49  O  O2    . DT  A 1 3  ? -4.238  10.652  2.132   1.00 43.38  ? 3   DT  A O2    1 
ATOM   50  N  N3    . DT  A 1 3  ? -4.753  9.067   0.560   1.00 38.00  ? 3   DT  A N3    1 
ATOM   51  C  C4    . DT  A 1 3  ? -4.609  8.466   -0.674  1.00 39.11  ? 3   DT  A C4    1 
ATOM   52  O  O4    . DT  A 1 3  ? -5.277  7.481   -0.992  1.00 45.14  ? 3   DT  A O4    1 
ATOM   53  C  C5    . DT  A 1 3  ? -3.630  9.064   -1.552  1.00 47.90  ? 3   DT  A C5    1 
ATOM   54  C  C7    . DT  A 1 3  ? -3.412  8.471   -2.909  1.00 50.03  ? 3   DT  A C7    1 
ATOM   55  C  C6    . DT  A 1 3  ? -2.951  10.128  -1.120  1.00 45.40  ? 3   DT  A C6    1 
ATOM   56  P  P     . DC  A 1 4  ? 1.916   10.052  1.844   1.00 58.44  ? 4   DC  A P     1 
ATOM   57  O  OP1   . DC  A 1 4  ? 3.191   10.472  2.496   1.00 86.17  ? 4   DC  A OP1   1 
ATOM   58  O  OP2   . DC  A 1 4  ? 2.005   9.072   0.715   1.00 46.56  ? 4   DC  A OP2   1 
ATOM   59  O  "O5'" . DC  A 1 4  ? 0.920   9.442   2.933   1.00 45.88  ? 4   DC  A "O5'" 1 
ATOM   60  C  "C5'" . DC  A 1 4  ? 1.129   9.559   4.341   1.00 39.97  ? 4   DC  A "C5'" 1 
ATOM   61  C  "C4'" . DC  A 1 4  ? -0.174  9.360   5.071   1.00 54.52  ? 4   DC  A "C4'" 1 
ATOM   62  O  "O4'" . DC  A 1 4  ? -1.307  9.449   4.162   1.00 52.93  ? 4   DC  A "O4'" 1 
ATOM   63  C  "C3'" . DC  A 1 4  ? -0.368  7.999   5.720   1.00 60.27  ? 4   DC  A "C3'" 1 
ATOM   64  O  "O3'" . DC  A 1 4  ? 0.398   7.886   6.915   1.00 55.34  ? 4   DC  A "O3'" 1 
ATOM   65  C  "C2'" . DC  A 1 4  ? -1.870  7.975   5.934   1.00 51.69  ? 4   DC  A "C2'" 1 
ATOM   66  C  "C1'" . DC  A 1 4  ? -2.374  8.665   4.682   1.00 48.70  ? 4   DC  A "C1'" 1 
ATOM   67  N  N1    . DC  A 1 4  ? -2.790  7.738   3.602   1.00 47.68  ? 4   DC  A N1    1 
ATOM   68  C  C2    . DC  A 1 4  ? -3.814  6.823   3.857   1.00 39.12  ? 4   DC  A C2    1 
ATOM   69  O  O2    . DC  A 1 4  ? -4.318  6.841   4.989   1.00 41.59  ? 4   DC  A O2    1 
ATOM   70  N  N3    . DC  A 1 4  ? -4.214  5.966   2.887   1.00 24.28  ? 4   DC  A N3    1 
ATOM   71  C  C4    . DC  A 1 4  ? -3.602  6.029   1.695   1.00 37.88  ? 4   DC  A C4    1 
ATOM   72  N  N4    . DC  A 1 4  ? -3.976  5.193   0.714   1.00 35.31  ? 4   DC  A N4    1 
ATOM   73  C  C5    . DC  A 1 4  ? -2.554  6.956   1.413   1.00 38.70  ? 4   DC  A C5    1 
ATOM   74  C  C6    . DC  A 1 4  ? -2.174  7.795   2.385   1.00 44.12  ? 4   DC  A C6    1 
ATOM   75  P  P     . DT  A 1 5  ? 1.004   6.432   7.287   1.00 51.84  ? 5   DT  A P     1 
ATOM   76  O  OP1   . DT  A 1 5  ? 1.944   6.594   8.429   1.00 68.06  ? 5   DT  A OP1   1 
ATOM   77  O  OP2   . DT  A 1 5  ? 1.518   5.792   6.039   1.00 49.25  ? 5   DT  A OP2   1 
ATOM   78  O  "O5'" . DT  A 1 5  ? -0.297  5.635   7.769   1.00 52.99  ? 5   DT  A "O5'" 1 
ATOM   79  C  "C5'" . DT  A 1 5  ? -1.100  6.121   8.858   1.00 48.66  ? 5   DT  A "C5'" 1 
ATOM   80  C  "C4'" . DT  A 1 5  ? -2.168  5.084   9.132   1.00 51.20  ? 5   DT  A "C4'" 1 
ATOM   81  O  "O4'" . DT  A 1 5  ? -3.161  5.161   8.089   1.00 48.20  ? 5   DT  A "O4'" 1 
ATOM   82  C  "C3'" . DT  A 1 5  ? -1.692  3.649   9.126   1.00 53.92  ? 5   DT  A "C3'" 1 
ATOM   83  O  "O3'" . DT  A 1 5  ? -1.296  3.211   10.423  1.00 50.95  ? 5   DT  A "O3'" 1 
ATOM   84  C  "C2'" . DT  A 1 5  ? -2.892  2.869   8.626   1.00 53.64  ? 5   DT  A "C2'" 1 
ATOM   85  C  "C1'" . DT  A 1 5  ? -3.625  3.869   7.758   1.00 50.48  ? 5   DT  A "C1'" 1 
ATOM   86  N  N1    . DT  A 1 5  ? -3.380  3.645   6.310   1.00 46.72  ? 5   DT  A N1    1 
ATOM   87  C  C2    . DT  A 1 5  ? -4.278  2.834   5.652   1.00 45.76  ? 5   DT  A C2    1 
ATOM   88  O  O2    . DT  A 1 5  ? -5.236  2.308   6.191   1.00 40.48  ? 5   DT  A O2    1 
ATOM   89  N  N3    . DT  A 1 5  ? -3.995  2.671   4.324   1.00 44.05  ? 5   DT  A N3    1 
ATOM   90  C  C4    . DT  A 1 5  ? -2.946  3.214   3.611   1.00 41.51  ? 5   DT  A C4    1 
ATOM   91  O  O4    . DT  A 1 5  ? -2.857  2.948   2.416   1.00 47.49  ? 5   DT  A O4    1 
ATOM   92  C  C5    . DT  A 1 5  ? -2.048  4.052   4.372   1.00 41.81  ? 5   DT  A C5    1 
ATOM   93  C  C7    . DT  A 1 5  ? -0.877  4.682   3.675   1.00 33.61  ? 5   DT  A C7    1 
ATOM   94  C  C6    . DT  A 1 5  ? -2.308  4.228   5.679   1.00 43.30  ? 5   DT  A C6    1 
ATOM   95  P  P     . DG  A 1 6  ? -0.302  1.953   10.554  1.00 57.37  ? 6   DG  A P     1 
ATOM   96  O  OP1   . DG  A 1 6  ? 0.320   1.963   11.912  1.00 65.30  ? 6   DG  A OP1   1 
ATOM   97  O  OP2   . DG  A 1 6  ? 0.603   1.965   9.356   1.00 69.98  ? 6   DG  A OP2   1 
ATOM   98  O  "O5'" . DG  A 1 6  ? -1.234  0.668   10.456  1.00 48.09  ? 6   DG  A "O5'" 1 
ATOM   99  C  "C5'" . DG  A 1 6  ? -2.435  0.454   11.202  1.00 36.67  ? 6   DG  A "C5'" 1 
ATOM   100 C  "C4'" . DG  A 1 6  ? -3.218  -0.643  10.518  1.00 48.93  ? 6   DG  A "C4'" 1 
ATOM   101 O  "O4'" . DG  A 1 6  ? -3.599  -0.210  9.189   1.00 49.11  ? 6   DG  A "O4'" 1 
ATOM   102 C  "C3'" . DG  A 1 6  ? -2.486  -1.937  10.247  1.00 58.41  ? 6   DG  A "C3'" 1 
ATOM   103 O  "O3'" . DG  A 1 6  ? -2.457  -2.793  11.391  1.00 64.09  ? 6   DG  A "O3'" 1 
ATOM   104 C  "C2'" . DG  A 1 6  ? -3.267  -2.557  9.102   1.00 51.99  ? 6   DG  A "C2'" 1 
ATOM   105 C  "C1'" . DG  A 1 6  ? -3.832  -1.354  8.380   1.00 45.25  ? 6   DG  A "C1'" 1 
ATOM   106 N  N9    . DG  A 1 6  ? -3.202  -1.099  7.054   1.00 36.90  ? 6   DG  A N9    1 
ATOM   107 C  C8    . DG  A 1 6  ? -2.070  -0.430  6.675   1.00 23.92  ? 6   DG  A C8    1 
ATOM   108 N  N7    . DG  A 1 6  ? -1.866  -0.439  5.372   1.00 29.95  ? 6   DG  A N7    1 
ATOM   109 C  C5    . DG  A 1 6  ? -2.954  -1.171  4.878   1.00 25.20  ? 6   DG  A C5    1 
ATOM   110 C  C6    . DG  A 1 6  ? -3.341  -1.551  3.570   1.00 20.84  ? 6   DG  A C6    1 
ATOM   111 O  O6    . DG  A 1 6  ? -2.772  -1.307  2.504   1.00 38.39  ? 6   DG  A O6    1 
ATOM   112 N  N1    . DG  A 1 6  ? -4.507  -2.288  3.531   1.00 37.64  ? 6   DG  A N1    1 
ATOM   113 C  C2    . DG  A 1 6  ? -5.261  -2.644  4.625   1.00 39.01  ? 6   DG  A C2    1 
ATOM   114 N  N2    . DG  A 1 6  ? -6.357  -3.362  4.338   1.00 43.17  ? 6   DG  A N2    1 
ATOM   115 N  N3    . DG  A 1 6  ? -4.934  -2.309  5.861   1.00 31.86  ? 6   DG  A N3    1 
ATOM   116 C  C4    . DG  A 1 6  ? -3.785  -1.585  5.894   1.00 36.84  ? 6   DG  A C4    1 
ATOM   117 P  P     . DG  A 1 7  ? -1.208  -3.831  11.416  1.00 60.60  ? 7   DG  A P     1 
ATOM   118 O  OP1   . DG  A 1 7  ? -1.523  -4.965  12.320  1.00 72.35  ? 7   DG  A OP1   1 
ATOM   119 O  OP2   . DG  A 1 7  ? 0.033   -3.026  11.645  1.00 61.23  ? 7   DG  A OP2   1 
ATOM   120 O  "O5'" . DG  A 1 7  ? -1.208  -4.353  9.904   1.00 56.11  ? 7   DG  A "O5'" 1 
ATOM   121 C  "C5'" . DG  A 1 7  ? -0.625  -5.605  9.536   1.00 43.86  ? 7   DG  A "C5'" 1 
ATOM   122 C  "C4'" . DG  A 1 7  ? -1.418  -6.227  8.416   1.00 41.93  ? 7   DG  A "C4'" 1 
ATOM   123 O  "O4'" . DG  A 1 7  ? -2.063  -5.222  7.589   1.00 45.11  ? 7   DG  A "O4'" 1 
ATOM   124 C  "C3'" . DG  A 1 7  ? -0.591  -7.037  7.428   1.00 38.76  ? 7   DG  A "C3'" 1 
ATOM   125 O  "O3'" . DG  A 1 7  ? -0.272  -8.299  7.987   1.00 36.66  ? 7   DG  A "O3'" 1 
ATOM   126 C  "C2'" . DG  A 1 7  ? -1.511  -7.078  6.222   1.00 42.97  ? 7   DG  A "C2'" 1 
ATOM   127 C  "C1'" . DG  A 1 7  ? -2.160  -5.705  6.252   1.00 40.41  ? 7   DG  A "C1'" 1 
ATOM   128 N  N9    . DG  A 1 7  ? -1.516  -4.705  5.367   1.00 33.52  ? 7   DG  A N9    1 
ATOM   129 C  C8    . DG  A 1 7  ? -0.778  -3.611  5.764   1.00 36.36  ? 7   DG  A C8    1 
ATOM   130 N  N7    . DG  A 1 7  ? -0.335  -2.910  4.759   1.00 43.08  ? 7   DG  A N7    1 
ATOM   131 C  C5    . DG  A 1 7  ? -0.804  -3.579  3.635   1.00 38.49  ? 7   DG  A C5    1 
ATOM   132 C  C6    . DG  A 1 7  ? -0.640  -3.279  2.262   1.00 36.42  ? 7   DG  A C6    1 
ATOM   133 O  O6    . DG  A 1 7  ? -0.039  -2.358  1.687   1.00 32.35  ? 7   DG  A O6    1 
ATOM   134 N  N1    . DG  A 1 7  ? -1.289  -4.227  1.484   1.00 28.71  ? 7   DG  A N1    1 
ATOM   135 C  C2    . DG  A 1 7  ? -1.998  -5.306  1.923   1.00 26.98  ? 7   DG  A C2    1 
ATOM   136 N  N2    . DG  A 1 7  ? -2.540  -6.088  0.973   1.00 31.47  ? 7   DG  A N2    1 
ATOM   137 N  N3    . DG  A 1 7  ? -2.151  -5.583  3.199   1.00 25.19  ? 7   DG  A N3    1 
ATOM   138 C  C4    . DG  A 1 7  ? -1.538  -4.689  3.996   1.00 28.34  ? 7   DG  A C4    1 
ATOM   139 P  P     . DT  A 1 8  ? 1.098   -9.086  7.741   1.00 42.58  ? 8   DT  A P     1 
ATOM   140 O  OP1   . DT  A 1 8  ? 1.162   -10.222 8.706   1.00 68.52  ? 8   DT  A OP1   1 
ATOM   141 O  OP2   . DT  A 1 8  ? 2.270   -8.152  7.685   1.00 42.38  ? 8   DT  A OP2   1 
ATOM   142 O  "O5'" . DT  A 1 8  ? 0.920   -9.659  6.258   1.00 40.00  ? 8   DT  A "O5'" 1 
ATOM   143 C  "C5'" . DT  A 1 8  ? -0.097  -10.612 5.931   1.00 35.79  ? 8   DT  A "C5'" 1 
ATOM   144 C  "C4'" . DT  A 1 8  ? -0.239  -10.678 4.434   1.00 36.26  ? 8   DT  A "C4'" 1 
ATOM   145 O  "O4'" . DT  A 1 8  ? -0.548  -9.347  3.932   1.00 29.50  ? 8   DT  A "O4'" 1 
ATOM   146 C  "C3'" . DT  A 1 8  ? 0.996   -11.101 3.666   1.00 40.66  ? 8   DT  A "C3'" 1 
ATOM   147 O  "O3'" . DT  A 1 8  ? 1.150   -12.519 3.636   1.00 43.02  ? 8   DT  A "O3'" 1 
ATOM   148 C  "C2'" . DT  A 1 8  ? 0.743   -10.513 2.294   1.00 40.15  ? 8   DT  A "C2'" 1 
ATOM   149 C  "C1'" . DT  A 1 8  ? -0.075  -9.281  2.586   1.00 34.45  ? 8   DT  A "C1'" 1 
ATOM   150 N  N1    . DT  A 1 8  ? 0.685   -8.014  2.490   1.00 33.43  ? 8   DT  A N1    1 
ATOM   151 C  C2    . DT  A 1 8  ? 0.939   -7.493  1.254   1.00 28.09  ? 8   DT  A C2    1 
ATOM   152 O  O2    . DT  A 1 8  ? 0.545   -8.063  0.263   1.00 29.34  ? 8   DT  A O2    1 
ATOM   153 N  N3    . DT  A 1 8  ? 1.648   -6.315  1.255   1.00 38.50  ? 8   DT  A N3    1 
ATOM   154 C  C4    . DT  A 1 8  ? 2.104   -5.651  2.384   1.00 35.39  ? 8   DT  A C4    1 
ATOM   155 O  O4    . DT  A 1 8  ? 2.733   -4.602  2.285   1.00 36.67  ? 8   DT  A O4    1 
ATOM   156 C  C5    . DT  A 1 8  ? 1.795   -6.267  3.650   1.00 34.35  ? 8   DT  A C5    1 
ATOM   157 C  C7    . DT  A 1 8  ? 2.244   -5.627  4.928   1.00 52.23  ? 8   DT  A C7    1 
ATOM   158 C  C6    . DT  A 1 8  ? 1.104   -7.411  3.648   1.00 39.65  ? 8   DT  A C6    1 
ATOM   159 P  P     . DC  A 1 9  ? 2.612   -13.103 3.256   1.00 44.56  ? 9   DC  A P     1 
ATOM   160 O  OP1   . DC  A 1 9  ? 2.581   -14.591 3.344   1.00 61.72  ? 9   DC  A OP1   1 
ATOM   161 O  OP2   . DC  A 1 9  ? 3.619   -12.370 4.080   1.00 41.50  ? 9   DC  A OP2   1 
ATOM   162 O  "O5'" . DC  A 1 9  ? 2.792   -12.683 1.729   1.00 37.03  ? 9   DC  A "O5'" 1 
ATOM   163 C  "C5'" . DC  A 1 9  ? 2.062   -13.361 0.704   1.00 33.38  ? 9   DC  A "C5'" 1 
ATOM   164 C  "C4'" . DC  A 1 9  ? 2.332   -12.722 -0.634  1.00 31.65  ? 9   DC  A "C4'" 1 
ATOM   165 O  "O4'" . DC  A 1 9  ? 2.101   -11.297 -0.562  1.00 29.81  ? 9   DC  A "O4'" 1 
ATOM   166 C  "C3'" . DC  A 1 9  ? 3.764   -12.858 -1.137  1.00 30.18  ? 9   DC  A "C3'" 1 
ATOM   167 O  "O3'" . DC  A 1 9  ? 3.901   -14.088 -1.833  1.00 45.66  ? 9   DC  A "O3'" 1 
ATOM   168 C  "C2'" . DC  A 1 9  ? 3.950   -11.631 -1.999  1.00 29.83  ? 9   DC  A "C2'" 1 
ATOM   169 C  "C1'" . DC  A 1 9  ? 2.987   -10.608 -1.436  1.00 30.49  ? 9   DC  A "C1'" 1 
ATOM   170 N  N1    . DC  A 1 9  ? 3.603   -9.545  -0.611  1.00 37.24  ? 9   DC  A N1    1 
ATOM   171 C  C2    . DC  A 1 9  ? 4.233   -8.462  -1.207  1.00 40.65  ? 9   DC  A C2    1 
ATOM   172 O  O2    . DC  A 1 9  ? 4.281   -8.386  -2.444  1.00 51.21  ? 9   DC  A O2    1 
ATOM   173 N  N3    . DC  A 1 9  ? 4.778   -7.520  -0.394  1.00 39.26  ? 9   DC  A N3    1 
ATOM   174 C  C4    . DC  A 1 9  ? 4.703   -7.644  0.936   1.00 36.49  ? 9   DC  A C4    1 
ATOM   175 N  N4    . DC  A 1 9  ? 5.246   -6.706  1.716   1.00 36.53  ? 9   DC  A N4    1 
ATOM   176 C  C5    . DC  A 1 9  ? 4.059   -8.747  1.570   1.00 37.64  ? 9   DC  A C5    1 
ATOM   177 C  C6    . DC  A 1 9  ? 3.530   -9.663  0.750   1.00 45.97  ? 9   DC  A C6    1 
ATOM   178 P  P     . DT  A 1 10 ? 5.310   -14.729 -2.256  1.00 57.79  ? 10  DT  A P     1 
ATOM   179 O  OP1   . DT  A 1 10 ? 5.053   -16.076 -2.858  1.00 72.63  ? 10  DT  A OP1   1 
ATOM   180 O  OP2   . DT  A 1 10 ? 6.283   -14.639 -1.126  1.00 42.21  ? 10  DT  A OP2   1 
ATOM   181 O  "O5'" . DT  A 1 10 ? 5.804   -13.769 -3.430  1.00 58.03  ? 10  DT  A "O5'" 1 
ATOM   182 C  "C5'" . DT  A 1 10 ? 4.944   -13.482 -4.542  1.00 60.89  ? 10  DT  A "C5'" 1 
ATOM   183 C  "C4'" . DT  A 1 10 ? 5.676   -12.475 -5.410  1.00 63.27  ? 10  DT  A "C4'" 1 
ATOM   184 O  "O4'" . DT  A 1 10 ? 5.796   -11.236 -4.696  1.00 57.64  ? 10  DT  A "O4'" 1 
ATOM   185 C  "C3'" . DT  A 1 10 ? 7.077   -12.914 -5.783  1.00 63.23  ? 10  DT  A "C3'" 1 
ATOM   186 O  "O3'" . DT  A 1 10 ? 7.177   -13.051 -7.201  1.00 68.28  ? 10  DT  A "O3'" 1 
ATOM   187 C  "C2'" . DT  A 1 10 ? 8.007   -11.848 -5.247  1.00 58.90  ? 10  DT  A "C2'" 1 
ATOM   188 C  "C1'" . DT  A 1 10 ? 7.108   -10.704 -4.877  1.00 56.37  ? 10  DT  A "C1'" 1 
ATOM   189 N  N1    . DT  A 1 10 ? 7.405   -10.024 -3.592  1.00 46.14  ? 10  DT  A N1    1 
ATOM   190 C  C2    . DT  A 1 10 ? 7.873   -8.734  -3.634  1.00 39.10  ? 10  DT  A C2    1 
ATOM   191 O  O2    . DT  A 1 10 ? 8.059   -8.121  -4.674  1.00 53.04  ? 10  DT  A O2    1 
ATOM   192 N  N3    . DT  A 1 10 ? 8.119   -8.176  -2.405  1.00 28.57  ? 10  DT  A N3    1 
ATOM   193 C  C4    . DT  A 1 10 ? 7.940   -8.784  -1.181  1.00 34.65  ? 10  DT  A C4    1 
ATOM   194 O  O4    . DT  A 1 10 ? 8.208   -8.148  -0.160  1.00 36.24  ? 10  DT  A O4    1 
ATOM   195 C  C5    . DT  A 1 10 ? 7.442   -10.139 -1.227  1.00 40.12  ? 10  DT  A C5    1 
ATOM   196 C  C7    . DT  A 1 10 ? 7.212   -10.891 0.045   1.00 42.41  ? 10  DT  A C7    1 
ATOM   197 C  C6    . DT  A 1 10 ? 7.194   -10.702 -2.418  1.00 39.31  ? 10  DT  A C6    1 
ATOM   198 P  P     . DC  A 1 11 ? 8.660   -12.907 -7.851  1.00 72.37  ? 11  DC  A P     1 
ATOM   199 O  OP1   . DC  A 1 11 ? 8.627   -13.586 -9.174  1.00 41.95  ? 11  DC  A OP1   1 
ATOM   200 O  OP2   . DC  A 1 11 ? 9.650   -13.436 -6.865  1.00 72.25  ? 11  DC  A OP2   1 
ATOM   201 O  "O5'" . DC  A 1 11 ? 8.785   -11.323 -7.938  1.00 58.72  ? 11  DC  A "O5'" 1 
ATOM   202 C  "C5'" . DC  A 1 11 ? 9.147   -10.564 -9.088  1.00 54.36  ? 11  DC  A "C5'" 1 
ATOM   203 C  "C4'" . DC  A 1 11 ? 10.100  -9.452  -8.707  1.00 57.73  ? 11  DC  A "C4'" 1 
ATOM   204 O  "O4'" . DC  A 1 11 ? 9.973   -9.158  -7.285  1.00 56.21  ? 11  DC  A "O4'" 1 
ATOM   205 C  "C3'" . DC  A 1 11 ? 11.575  -9.750  -8.935  1.00 63.34  ? 11  DC  A "C3'" 1 
ATOM   206 O  "O3'" . DC  A 1 11 ? 12.159  -8.772  -9.791  1.00 70.01  ? 11  DC  A "O3'" 1 
ATOM   207 C  "C2'" . DC  A 1 11 ? 12.201  -9.741  -7.554  1.00 62.26  ? 11  DC  A "C2'" 1 
ATOM   208 C  "C1'" . DC  A 1 11 ? 11.267  -8.796  -6.807  1.00 60.88  ? 11  DC  A "C1'" 1 
ATOM   209 N  N1    . DC  A 1 11 ? 11.311  -8.904  -5.333  1.00 51.53  ? 11  DC  A N1    1 
ATOM   210 C  C2    . DC  A 1 11 ? 11.481  -7.739  -4.583  1.00 50.02  ? 11  DC  A C2    1 
ATOM   211 O  O2    . DC  A 1 11 ? 11.589  -6.653  -5.177  1.00 66.34  ? 11  DC  A O2    1 
ATOM   212 N  N3    . DC  A 1 11 ? 11.527  -7.808  -3.232  1.00 46.90  ? 11  DC  A N3    1 
ATOM   213 C  C4    . DC  A 1 11 ? 11.406  -8.999  -2.639  1.00 53.27  ? 11  DC  A C4    1 
ATOM   214 N  N4    . DC  A 1 11 ? 11.451  -9.057  -1.304  1.00 49.38  ? 11  DC  A N4    1 
ATOM   215 C  C5    . DC  A 1 11 ? 11.232  -10.201 -3.384  1.00 47.87  ? 11  DC  A C5    1 
ATOM   216 C  C6    . DC  A 1 11 ? 11.191  -10.114 -4.717  1.00 48.36  ? 11  DC  A C6    1 
ATOM   217 P  P     . DC  A 1 12 ? 13.444  -9.125  -10.699 1.00 66.14  ? 12  DC  A P     1 
ATOM   218 O  OP1   . DC  A 1 12 ? 13.083  -8.993  -12.143 1.00 58.34  ? 12  DC  A OP1   1 
ATOM   219 O  OP2   . DC  A 1 12 ? 14.008  -10.432 -10.248 1.00 64.15  ? 12  DC  A OP2   1 
ATOM   220 O  "O5'" . DC  A 1 12 ? 14.467  -7.961  -10.320 1.00 63.63  ? 12  DC  A "O5'" 1 
ATOM   221 C  "C5'" . DC  A 1 12 ? 14.008  -6.693  -9.843  1.00 58.20  ? 12  DC  A "C5'" 1 
ATOM   222 C  "C4'" . DC  A 1 12 ? 14.941  -6.187  -8.770  1.00 53.52  ? 12  DC  A "C4'" 1 
ATOM   223 O  "O4'" . DC  A 1 12 ? 14.421  -6.585  -7.475  1.00 57.21  ? 12  DC  A "O4'" 1 
ATOM   224 C  "C3'" . DC  A 1 12 ? 16.353  -6.732  -8.766  1.00 48.86  ? 12  DC  A "C3'" 1 
ATOM   225 O  "O3'" . DC  A 1 12 ? 17.210  -5.946  -9.590  1.00 64.21  ? 12  DC  A "O3'" 1 
ATOM   226 C  "C2'" . DC  A 1 12 ? 16.765  -6.681  -7.313  1.00 50.04  ? 12  DC  A "C2'" 1 
ATOM   227 C  "C1'" . DC  A 1 12 ? 15.477  -6.435  -6.547  1.00 49.65  ? 12  DC  A "C1'" 1 
ATOM   228 N  N1    . DC  A 1 12 ? 15.283  -7.391  -5.432  1.00 41.90  ? 12  DC  A N1    1 
ATOM   229 C  C2    . DC  A 1 12 ? 15.395  -6.893  -4.135  1.00 41.33  ? 12  DC  A C2    1 
ATOM   230 O  O2    . DC  A 1 12 ? 15.648  -5.689  -3.998  1.00 75.99  ? 12  DC  A O2    1 
ATOM   231 N  N3    . DC  A 1 12 ? 15.225  -7.728  -3.094  1.00 40.96  ? 12  DC  A N3    1 
ATOM   232 C  C4    . DC  A 1 12 ? 14.952  -9.019  -3.301  1.00 41.19  ? 12  DC  A C4    1 
ATOM   233 N  N4    . DC  A 1 12 ? 14.796  -9.791  -2.219  1.00 42.09  ? 12  DC  A N4    1 
ATOM   234 C  C5    . DC  A 1 12 ? 14.833  -9.547  -4.614  1.00 37.82  ? 12  DC  A C5    1 
ATOM   235 C  C6    . DC  A 1 12 ? 15.005  -8.708  -5.646  1.00 41.13  ? 12  DC  A C6    1 
ATOM   236 O  "O5'" . DG  B 2 1  ? 18.430  -5.343  6.741   1.00 70.44  ? 1   DG  B "O5'" 1 
ATOM   237 C  "C5'" . DG  B 2 1  ? 17.136  -5.185  6.151   1.00 75.78  ? 1   DG  B "C5'" 1 
ATOM   238 C  "C4'" . DG  B 2 1  ? 17.008  -3.822  5.519   1.00 69.82  ? 1   DG  B "C4'" 1 
ATOM   239 O  "O4'" . DG  B 2 1  ? 17.055  -3.932  4.076   1.00 65.64  ? 1   DG  B "O4'" 1 
ATOM   240 C  "C3'" . DG  B 2 1  ? 15.704  -3.087  5.789   1.00 65.22  ? 1   DG  B "C3'" 1 
ATOM   241 O  "O3'" . DG  B 2 1  ? 15.939  -1.686  5.846   1.00 76.76  ? 1   DG  B "O3'" 1 
ATOM   242 C  "C2'" . DG  B 2 1  ? 14.808  -3.486  4.645   1.00 54.49  ? 1   DG  B "C2'" 1 
ATOM   243 C  "C1'" . DG  B 2 1  ? 15.748  -3.939  3.548   1.00 50.13  ? 1   DG  B "C1'" 1 
ATOM   244 N  N9    . DG  B 2 1  ? 15.429  -5.310  3.075   1.00 32.40  ? 1   DG  B N9    1 
ATOM   245 C  C8    . DG  B 2 1  ? 15.112  -6.419  3.814   1.00 33.41  ? 1   DG  B C8    1 
ATOM   246 N  N7    . DG  B 2 1  ? 14.884  -7.478  3.073   1.00 39.57  ? 1   DG  B N7    1 
ATOM   247 C  C5    . DG  B 2 1  ? 15.062  -7.035  1.771   1.00 35.11  ? 1   DG  B C5    1 
ATOM   248 C  C6    . DG  B 2 1  ? 14.950  -7.728  0.542   1.00 41.63  ? 1   DG  B C6    1 
ATOM   249 O  O6    . DG  B 2 1  ? 14.668  -8.905  0.300   1.00 58.59  ? 1   DG  B O6    1 
ATOM   250 N  N1    . DG  B 2 1  ? 15.215  -6.891  -0.535  1.00 43.92  ? 1   DG  B N1    1 
ATOM   251 C  C2    . DG  B 2 1  ? 15.543  -5.564  -0.440  1.00 49.64  ? 1   DG  B C2    1 
ATOM   252 N  N2    . DG  B 2 1  ? 15.755  -4.955  -1.615  1.00 65.02  ? 1   DG  B N2    1 
ATOM   253 N  N3    . DG  B 2 1  ? 15.652  -4.899  0.701   1.00 40.33  ? 1   DG  B N3    1 
ATOM   254 C  C4    . DG  B 2 1  ? 15.398  -5.695  1.758   1.00 32.11  ? 1   DG  B C4    1 
ATOM   255 P  P     . DG  B 2 2  ? 14.777  -0.603  5.594   1.00 75.25  ? 2   DG  B P     1 
ATOM   256 O  OP1   . DG  B 2 2  ? 15.392  0.753   5.769   1.00 65.95  ? 2   DG  B OP1   1 
ATOM   257 O  OP2   . DG  B 2 2  ? 13.608  -0.968  6.448   1.00 86.47  ? 2   DG  B OP2   1 
ATOM   258 O  "O5'" . DG  B 2 2  ? 14.380  -0.784  4.052   1.00 64.33  ? 2   DG  B "O5'" 1 
ATOM   259 C  "C5'" . DG  B 2 2  ? 15.184  -0.240  3.004   1.00 58.25  ? 2   DG  B "C5'" 1 
ATOM   260 C  "C4'" . DG  B 2 2  ? 14.435  -0.116  1.708   1.00 63.88  ? 2   DG  B "C4'" 1 
ATOM   261 O  "O4'" . DG  B 2 2  ? 14.128  -1.432  1.146   1.00 68.37  ? 2   DG  B "O4'" 1 
ATOM   262 C  "C3'" . DG  B 2 2  ? 13.062  0.534   1.768   1.00 67.32  ? 2   DG  B "C3'" 1 
ATOM   263 O  "O3'" . DG  B 2 2  ? 12.742  1.132   0.528   1.00 72.37  ? 2   DG  B "O3'" 1 
ATOM   264 C  "C2'" . DG  B 2 2  ? 12.170  -0.642  2.125   1.00 59.37  ? 2   DG  B "C2'" 1 
ATOM   265 C  "C1'" . DG  B 2 2  ? 12.705  -1.601  1.074   1.00 53.81  ? 2   DG  B "C1'" 1 
ATOM   266 N  N9    . DG  B 2 2  ? 12.425  -3.028  1.271   1.00 37.83  ? 2   DG  B N9    1 
ATOM   267 C  C8    . DG  B 2 2  ? 12.215  -3.676  2.462   1.00 48.84  ? 2   DG  B C8    1 
ATOM   268 N  N7    . DG  B 2 2  ? 11.991  -4.956  2.300   1.00 59.39  ? 2   DG  B N7    1 
ATOM   269 C  C5    . DG  B 2 2  ? 12.059  -5.154  0.923   1.00 44.53  ? 2   DG  B C5    1 
ATOM   270 C  C6    . DG  B 2 2  ? 11.897  -6.343  0.167   1.00 41.80  ? 2   DG  B C6    1 
ATOM   271 O  O6    . DG  B 2 2  ? 11.653  -7.475  0.614   1.00 58.73  ? 2   DG  B O6    1 
ATOM   272 N  N1    . DG  B 2 2  ? 12.043  -6.114  -1.194  1.00 39.73  ? 2   DG  B N1    1 
ATOM   273 C  C2    . DG  B 2 2  ? 12.313  -4.883  -1.747  1.00 40.72  ? 2   DG  B C2    1 
ATOM   274 N  N2    . DG  B 2 2  ? 12.426  -4.828  -3.083  1.00 30.81  ? 2   DG  B N2    1 
ATOM   275 N  N3    . DG  B 2 2  ? 12.465  -3.774  -1.048  1.00 32.64  ? 2   DG  B N3    1 
ATOM   276 C  C4    . DG  B 2 2  ? 12.328  -3.972  0.275   1.00 32.42  ? 2   DG  B C4    1 
ATOM   277 P  P     . DA  B 2 3  ? 12.012  2.555   0.379   1.00 77.56  ? 3   DA  B P     1 
ATOM   278 O  OP1   . DA  B 2 3  ? 12.997  3.637   0.675   1.00 112.39 ? 3   DA  B OP1   1 
ATOM   279 O  OP2   . DA  B 2 3  ? 10.738  2.553   1.152   1.00 71.99  ? 3   DA  B OP2   1 
ATOM   280 O  "O5'" . DA  B 2 3  ? 11.715  2.536   -1.201  1.00 67.38  ? 3   DA  B "O5'" 1 
ATOM   281 C  "C5'" . DA  B 2 3  ? 12.457  1.590   -1.984  1.00 65.30  ? 3   DA  B "C5'" 1 
ATOM   282 C  "C4'" . DA  B 2 3  ? 11.675  1.209   -3.220  1.00 69.15  ? 3   DA  B "C4'" 1 
ATOM   283 O  "O4'" . DA  B 2 3  ? 11.379  -0.208  -3.198  1.00 62.69  ? 3   DA  B "O4'" 1 
ATOM   284 C  "C3'" . DA  B 2 3  ? 10.334  1.927   -3.375  1.00 70.43  ? 3   DA  B "C3'" 1 
ATOM   285 O  "O3'" . DA  B 2 3  ? 10.154  2.319   -4.732  1.00 70.52  ? 3   DA  B "O3'" 1 
ATOM   286 C  "C2'" . DA  B 2 3  ? 9.333   0.911   -2.870  1.00 68.71  ? 3   DA  B "C2'" 1 
ATOM   287 C  "C1'" . DA  B 2 3  ? 9.980   -0.431  -3.162  1.00 60.28  ? 3   DA  B "C1'" 1 
ATOM   288 N  N9    . DA  B 2 3  ? 9.703   -1.466  -2.135  1.00 50.13  ? 3   DA  B N9    1 
ATOM   289 C  C8    . DA  B 2 3  ? 9.637   -1.370  -0.772  1.00 49.07  ? 3   DA  B C8    1 
ATOM   290 N  N7    . DA  B 2 3  ? 9.366   -2.503  -0.157  1.00 45.60  ? 3   DA  B N7    1 
ATOM   291 C  C5    . DA  B 2 3  ? 9.247   -3.412  -1.211  1.00 49.13  ? 3   DA  B C5    1 
ATOM   292 C  C6    . DA  B 2 3  ? 8.970   -4.789  -1.274  1.00 45.37  ? 3   DA  B C6    1 
ATOM   293 N  N6    . DA  B 2 3  ? 8.744   -5.555  -0.205  1.00 40.43  ? 3   DA  B N6    1 
ATOM   294 N  N1    . DA  B 2 3  ? 8.922   -5.391  -2.483  1.00 48.18  ? 3   DA  B N1    1 
ATOM   295 C  C2    . DA  B 2 3  ? 9.145   -4.641  -3.569  1.00 53.00  ? 3   DA  B C2    1 
ATOM   296 N  N3    . DA  B 2 3  ? 9.415   -3.341  -3.649  1.00 53.31  ? 3   DA  B N3    1 
ATOM   297 C  C4    . DA  B 2 3  ? 9.452   -2.785  -2.427  1.00 48.80  ? 3   DA  B C4    1 
ATOM   298 P  P     . DG  B 2 4  ? 8.844   3.078   -5.276  1.00 80.78  ? 4   DG  B P     1 
ATOM   299 O  OP1   . DG  B 2 4  ? 9.116   3.594   -6.657  1.00 96.04  ? 4   DG  B OP1   1 
ATOM   300 O  OP2   . DG  B 2 4  ? 8.334   4.060   -4.276  1.00 82.01  ? 4   DG  B OP2   1 
ATOM   301 O  "O5'" . DG  B 2 4  ? 7.805   1.860   -5.417  1.00 72.86  ? 4   DG  B "O5'" 1 
ATOM   302 C  "C5'" . DG  B 2 4  ? 8.012   0.931   -6.491  1.00 70.56  ? 4   DG  B "C5'" 1 
ATOM   303 C  "C4'" . DG  B 2 4  ? 6.929   -0.118  -6.445  1.00 71.00  ? 4   DG  B "C4'" 1 
ATOM   304 O  "O4'" . DG  B 2 4  ? 7.129   -0.957  -5.268  1.00 61.22  ? 4   DG  B "O4'" 1 
ATOM   305 C  "C3'" . DG  B 2 4  ? 5.510   0.414   -6.339  1.00 69.71  ? 4   DG  B "C3'" 1 
ATOM   306 O  "O3'" . DG  B 2 4  ? 4.627   -0.287  -7.205  1.00 78.72  ? 4   DG  B "O3'" 1 
ATOM   307 C  "C2'" . DG  B 2 4  ? 5.179   0.212   -4.871  1.00 55.62  ? 4   DG  B "C2'" 1 
ATOM   308 C  "C1'" . DG  B 2 4  ? 5.845   -1.162  -4.702  1.00 56.92  ? 4   DG  B "C1'" 1 
ATOM   309 N  N9    . DG  B 2 4  ? 5.896   -1.614  -3.298  1.00 47.65  ? 4   DG  B N9    1 
ATOM   310 C  C8    . DG  B 2 4  ? 6.070   -0.894  -2.145  1.00 47.08  ? 4   DG  B C8    1 
ATOM   311 N  N7    . DG  B 2 4  ? 6.059   -1.648  -1.077  1.00 56.28  ? 4   DG  B N7    1 
ATOM   312 C  C5    . DG  B 2 4  ? 5.867   -2.942  -1.556  1.00 48.57  ? 4   DG  B C5    1 
ATOM   313 C  C6    . DG  B 2 4  ? 5.765   -4.187  -0.885  1.00 45.93  ? 4   DG  B C6    1 
ATOM   314 O  O6    . DG  B 2 4  ? 5.830   -4.409  0.331   1.00 59.50  ? 4   DG  B O6    1 
ATOM   315 N  N1    . DG  B 2 4  ? 5.571   -5.246  -1.771  1.00 38.46  ? 4   DG  B N1    1 
ATOM   316 C  C2    . DG  B 2 4  ? 5.484   -5.123  -3.133  1.00 39.28  ? 4   DG  B C2    1 
ATOM   317 N  N2    . DG  B 2 4  ? 5.295   -6.240  -3.848  1.00 42.67  ? 4   DG  B N2    1 
ATOM   318 N  N3    . DG  B 2 4  ? 5.576   -3.968  -3.769  1.00 47.57  ? 4   DG  B N3    1 
ATOM   319 C  C4    . DG  B 2 4  ? 5.764   -2.936  -2.925  1.00 41.71  ? 4   DG  B C4    1 
ATOM   320 P  P     . DA  B 2 5  ? 3.344   0.463   -7.832  1.00 84.86  ? 5   DA  B P     1 
ATOM   321 O  OP1   . DA  B 2 5  ? 3.718   0.921   -9.205  1.00 105.12 ? 5   DA  B OP1   1 
ATOM   322 O  OP2   . DA  B 2 5  ? 2.845   1.478   -6.854  1.00 69.38  ? 5   DA  B OP2   1 
ATOM   323 O  "O5'" . DA  B 2 5  ? 2.244   -0.695  -7.950  1.00 75.25  ? 5   DA  B "O5'" 1 
ATOM   324 C  "C5'" . DA  B 2 5  ? 2.425   -1.764  -8.888  1.00 68.40  ? 5   DA  B "C5'" 1 
ATOM   325 C  "C4'" . DA  B 2 5  ? 1.924   -3.055  -8.293  1.00 59.13  ? 5   DA  B "C4'" 1 
ATOM   326 O  "O4'" . DA  B 2 5  ? 2.777   -3.486  -7.202  1.00 51.72  ? 5   DA  B "O4'" 1 
ATOM   327 C  "C3'" . DA  B 2 5  ? 0.557   -2.986  -7.654  1.00 53.71  ? 5   DA  B "C3'" 1 
ATOM   328 O  "O3'" . DA  B 2 5  ? -0.487  -3.097  -8.613  1.00 50.06  ? 5   DA  B "O3'" 1 
ATOM   329 C  "C2'" . DA  B 2 5  ? 0.565   -4.166  -6.712  1.00 62.02  ? 5   DA  B "C2'" 1 
ATOM   330 C  "C1'" . DA  B 2 5  ? 2.019   -4.267  -6.297  1.00 52.63  ? 5   DA  B "C1'" 1 
ATOM   331 N  N9    . DA  B 2 5  ? 2.233   -3.756  -4.929  1.00 46.11  ? 5   DA  B N9    1 
ATOM   332 C  C8    . DA  B 2 5  ? 2.580   -2.471  -4.598  1.00 44.11  ? 5   DA  B C8    1 
ATOM   333 N  N7    . DA  B 2 5  ? 2.704   -2.293  -3.304  1.00 50.07  ? 5   DA  B N7    1 
ATOM   334 C  C5    . DA  B 2 5  ? 2.415   -3.552  -2.772  1.00 41.50  ? 5   DA  B C5    1 
ATOM   335 C  C6    . DA  B 2 5  ? 2.380   -4.005  -1.444  1.00 32.40  ? 5   DA  B C6    1 
ATOM   336 N  N6    . DA  B 2 5  ? 2.653   -3.172  -0.435  1.00 24.67  ? 5   DA  B N6    1 
ATOM   337 N  N1    . DA  B 2 5  ? 2.062   -5.299  -1.209  1.00 37.36  ? 5   DA  B N1    1 
ATOM   338 C  C2    . DA  B 2 5  ? 1.800   -6.073  -2.276  1.00 41.20  ? 5   DA  B C2    1 
ATOM   339 N  N3    . DA  B 2 5  ? 1.801   -5.760  -3.575  1.00 42.21  ? 5   DA  B N3    1 
ATOM   340 C  C4    . DA  B 2 5  ? 2.120   -4.468  -3.765  1.00 44.00  ? 5   DA  B C4    1 
ATOM   341 P  P     . DC  B 2 6  ? -1.981  -2.739  -8.104  1.00 48.19  ? 6   DC  B P     1 
ATOM   342 O  OP1   . DC  B 2 6  ? -2.895  -2.772  -9.281  1.00 56.84  ? 6   DC  B OP1   1 
ATOM   343 O  OP2   . DC  B 2 6  ? -1.883  -1.488  -7.288  1.00 45.49  ? 6   DC  B OP2   1 
ATOM   344 O  "O5'" . DC  B 2 6  ? -2.334  -3.944  -7.121  1.00 44.95  ? 6   DC  B "O5'" 1 
ATOM   345 C  "C5'" . DC  B 2 6  ? -2.619  -5.265  -7.596  1.00 42.77  ? 6   DC  B "C5'" 1 
ATOM   346 C  "C4'" . DC  B 2 6  ? -2.689  -6.210  -6.421  1.00 47.56  ? 6   DC  B "C4'" 1 
ATOM   347 O  "O4'" . DC  B 2 6  ? -1.542  -6.053  -5.545  1.00 56.58  ? 6   DC  B "O4'" 1 
ATOM   348 C  "C3'" . DC  B 2 6  ? -3.865  -6.001  -5.484  1.00 40.55  ? 6   DC  B "C3'" 1 
ATOM   349 O  "O3'" . DC  B 2 6  ? -5.041  -6.581  -6.029  1.00 47.62  ? 6   DC  B "O3'" 1 
ATOM   350 C  "C2'" . DC  B 2 6  ? -3.377  -6.662  -4.214  1.00 48.55  ? 6   DC  B "C2'" 1 
ATOM   351 C  "C1'" . DC  B 2 6  ? -1.892  -6.331  -4.204  1.00 49.77  ? 6   DC  B "C1'" 1 
ATOM   352 N  N1    . DC  B 2 6  ? -1.578  -5.162  -3.352  1.00 41.77  ? 6   DC  B N1    1 
ATOM   353 C  C2    . DC  B 2 6  ? -1.647  -5.295  -1.967  1.00 36.90  ? 6   DC  B C2    1 
ATOM   354 O  O2    . DC  B 2 6  ? -1.965  -6.381  -1.456  1.00 47.00  ? 6   DC  B O2    1 
ATOM   355 N  N3    . DC  B 2 6  ? -1.360  -4.219  -1.204  1.00 33.11  ? 6   DC  B N3    1 
ATOM   356 C  C4    . DC  B 2 6  ? -1.021  -3.054  -1.758  1.00 31.39  ? 6   DC  B C4    1 
ATOM   357 N  N4    . DC  B 2 6  ? -0.742  -2.009  -0.972  1.00 28.85  ? 6   DC  B N4    1 
ATOM   358 C  C5    . DC  B 2 6  ? -0.949  -2.903  -3.168  1.00 17.23  ? 6   DC  B C5    1 
ATOM   359 C  C6    . DC  B 2 6  ? -1.232  -3.972  -3.925  1.00 30.33  ? 6   DC  B C6    1 
ATOM   360 P  P     . DC  B 2 7  ? -6.504  -6.019  -5.661  1.00 44.64  ? 7   DC  B P     1 
ATOM   361 O  OP1   . DC  B 2 7  ? -7.477  -6.797  -6.472  1.00 70.67  ? 7   DC  B OP1   1 
ATOM   362 O  OP2   . DC  B 2 7  ? -6.491  -4.529  -5.760  1.00 46.09  ? 7   DC  B OP2   1 
ATOM   363 O  "O5'" . DC  B 2 7  ? -6.664  -6.343  -4.100  1.00 57.74  ? 7   DC  B "O5'" 1 
ATOM   364 C  "C5'" . DC  B 2 7  ? -7.197  -7.567  -3.593  1.00 57.18  ? 7   DC  B "C5'" 1 
ATOM   365 C  "C4'" . DC  B 2 7  ? -7.487  -7.447  -2.116  1.00 52.29  ? 7   DC  B "C4'" 1 
ATOM   366 O  "O4'" . DC  B 2 7  ? -6.244  -7.147  -1.420  1.00 39.71  ? 7   DC  B "O4'" 1 
ATOM   367 C  "C3'" . DC  B 2 7  ? -8.410  -6.335  -1.649  1.00 49.59  ? 7   DC  B "C3'" 1 
ATOM   368 O  "O3'" . DC  B 2 7  ? -9.785  -6.633  -1.839  1.00 58.65  ? 7   DC  B "O3'" 1 
ATOM   369 C  "C2'" . DC  B 2 7  ? -8.042  -6.240  -0.181  1.00 32.65  ? 7   DC  B "C2'" 1 
ATOM   370 C  "C1'" . DC  B 2 7  ? -6.543  -6.474  -0.205  1.00 36.68  ? 7   DC  B "C1'" 1 
ATOM   371 N  N1    . DC  B 2 7  ? -5.766  -5.212  -0.146  1.00 37.60  ? 7   DC  B N1    1 
ATOM   372 C  C2    . DC  B 2 7  ? -5.631  -4.556  1.074   1.00 40.72  ? 7   DC  B C2    1 
ATOM   373 O  O2    . DC  B 2 7  ? -6.159  -5.029  2.092   1.00 51.32  ? 7   DC  B O2    1 
ATOM   374 N  N3    . DC  B 2 7  ? -4.920  -3.400  1.112   1.00 38.12  ? 7   DC  B N3    1 
ATOM   375 C  C4    . DC  B 2 7  ? -4.365  -2.917  0.002   1.00 25.96  ? 7   DC  B C4    1 
ATOM   376 N  N4    . DC  B 2 7  ? -3.672  -1.782  0.084   1.00 26.69  ? 7   DC  B N4    1 
ATOM   377 C  C5    . DC  B 2 7  ? -4.489  -3.572  -1.252  1.00 25.11  ? 7   DC  B C5    1 
ATOM   378 C  C6    . DC  B 2 7  ? -5.195  -4.710  -1.283  1.00 36.65  ? 7   DC  B C6    1 
ATOM   379 P  P     . DA  B 2 8  ? -10.873 -5.554  -2.327  1.00 46.84  ? 8   DA  B P     1 
ATOM   380 O  OP1   . DA  B 2 8  ? -12.152 -6.275  -2.583  1.00 67.65  ? 8   DA  B OP1   1 
ATOM   381 O  OP2   . DA  B 2 8  ? -10.322 -4.788  -3.497  1.00 53.05  ? 8   DA  B OP2   1 
ATOM   382 O  "O5'" . DA  B 2 8  ? -10.986 -4.510  -1.118  1.00 28.15  ? 8   DA  B "O5'" 1 
ATOM   383 C  "C5'" . DA  B 2 8  ? -11.397 -4.793  0.203   1.00 40.16  ? 8   DA  B "C5'" 1 
ATOM   384 C  "C4'" . DA  B 2 8  ? -11.109 -3.692  1.185   1.00 37.66  ? 8   DA  B "C4'" 1 
ATOM   385 O  "O4'" . DA  B 2 8  ? -9.643  -3.524  1.201   1.00 30.01  ? 8   DA  B "O4'" 1 
ATOM   386 C  "C3'" . DA  B 2 8  ? -11.520 -2.248  0.968   1.00 43.00  ? 8   DA  B "C3'" 1 
ATOM   387 O  "O3'" . DA  B 2 8  ? -12.901 -1.974  1.132   1.00 40.14  ? 8   DA  B "O3'" 1 
ATOM   388 C  "C2'" . DA  B 2 8  ? -10.684 -1.594  2.065   1.00 43.42  ? 8   DA  B "C2'" 1 
ATOM   389 C  "C1'" . DA  B 2 8  ? -9.392  -2.412  2.030   1.00 32.73  ? 8   DA  B "C1'" 1 
ATOM   390 N  N9    . DA  B 2 8  ? -8.281  -1.607  1.502   1.00 27.60  ? 8   DA  B N9    1 
ATOM   391 C  C8    . DA  B 2 8  ? -7.796  -1.583  0.216   1.00 26.09  ? 8   DA  B C8    1 
ATOM   392 N  N7    . DA  B 2 8  ? -6.792  -0.751  0.058   1.00 35.25  ? 8   DA  B N7    1 
ATOM   393 C  C5    . DA  B 2 8  ? -6.617  -0.196  1.325   1.00 34.44  ? 8   DA  B C5    1 
ATOM   394 C  C6    . DA  B 2 8  ? -5.718  0.754   1.839   1.00 21.49  ? 8   DA  B C6    1 
ATOM   395 N  N6    . DA  B 2 8  ? -4.774  1.352   1.107   1.00 45.50  ? 8   DA  B N6    1 
ATOM   396 N  N1    . DA  B 2 8  ? -5.817  1.077   3.142   1.00 31.04  ? 8   DA  B N1    1 
ATOM   397 C  C2    . DA  B 2 8  ? -6.756  0.490   3.896   1.00 36.82  ? 8   DA  B C2    1 
ATOM   398 N  N3    . DA  B 2 8  ? -7.659  -0.417  3.527   1.00 33.81  ? 8   DA  B N3    1 
ATOM   399 C  C4    . DA  B 2 8  ? -7.531  -0.716  2.225   1.00 31.45  ? 8   DA  B C4    1 
ATOM   400 P  P     . DG  B 2 9  ? -13.568 -0.547  0.758   1.00 40.11  ? 9   DG  B P     1 
ATOM   401 O  OP1   . DG  B 2 9  ? -15.064 -0.663  0.790   1.00 42.48  ? 9   DG  B OP1   1 
ATOM   402 O  OP2   . DG  B 2 9  ? -12.970 -0.082  -0.534  1.00 25.84  ? 9   DG  B OP2   1 
ATOM   403 O  "O5'" . DG  B 2 9  ? -13.148 0.420   1.960   1.00 30.54  ? 9   DG  B "O5'" 1 
ATOM   404 C  "C5'" . DG  B 2 9  ? -13.502 0.102   3.310   1.00 29.93  ? 9   DG  B "C5'" 1 
ATOM   405 C  "C4'" . DG  B 2 9  ? -12.803 1.013   4.284   1.00 42.21  ? 9   DG  B "C4'" 1 
ATOM   406 O  "O4'" . DG  B 2 9  ? -11.371 0.785   4.161   1.00 50.49  ? 9   DG  B "O4'" 1 
ATOM   407 C  "C3'" . DG  B 2 9  ? -12.935 2.505   4.083   1.00 49.46  ? 9   DG  B "C3'" 1 
ATOM   408 O  "O3'" . DG  B 2 9  ? -14.109 3.056   4.666   1.00 43.64  ? 9   DG  B "O3'" 1 
ATOM   409 C  "C2'" . DG  B 2 9  ? -11.688 3.041   4.768   1.00 52.85  ? 9   DG  B "C2'" 1 
ATOM   410 C  "C1'" . DG  B 2 9  ? -10.653 1.976   4.468   1.00 42.67  ? 9   DG  B "C1'" 1 
ATOM   411 N  N9    . DG  B 2 9  ? -9.765  2.295   3.320   1.00 21.70  ? 9   DG  B N9    1 
ATOM   412 C  C8    . DG  B 2 9  ? -9.853  1.863   2.031   1.00 28.53  ? 9   DG  B C8    1 
ATOM   413 N  N7    . DG  B 2 9  ? -8.900  2.337   1.259   1.00 37.61  ? 9   DG  B N7    1 
ATOM   414 C  C5    . DG  B 2 9  ? -8.136  3.132   2.099   1.00 28.55  ? 9   DG  B C5    1 
ATOM   415 C  C6    . DG  B 2 9  ? -6.977  3.900   1.832   1.00 26.25  ? 9   DG  B C6    1 
ATOM   416 O  O6    . DG  B 2 9  ? -6.375  4.030   0.755   1.00 36.05  ? 9   DG  B O6    1 
ATOM   417 N  N1    . DG  B 2 9  ? -6.513  4.561   2.968   1.00 32.37  ? 9   DG  B N1    1 
ATOM   418 C  C2    . DG  B 2 9  ? -7.107  4.480   4.205   1.00 32.06  ? 9   DG  B C2    1 
ATOM   419 N  N2    . DG  B 2 9  ? -6.536  5.178   5.201   1.00 23.46  ? 9   DG  B N2    1 
ATOM   420 N  N3    . DG  B 2 9  ? -8.190  3.764   4.456   1.00 31.67  ? 9   DG  B N3    1 
ATOM   421 C  C4    . DG  B 2 9  ? -8.662  3.114   3.377   1.00 28.97  ? 9   DG  B C4    1 
ATOM   422 P  P     . DA  B 2 10 ? -14.532 4.581   4.328   1.00 41.07  ? 10  DA  B P     1 
ATOM   423 O  OP1   . DA  B 2 10 ? -15.787 4.897   5.081   1.00 51.96  ? 10  DA  B OP1   1 
ATOM   424 O  OP2   . DA  B 2 10 ? -14.534 4.739   2.847   1.00 60.26  ? 10  DA  B OP2   1 
ATOM   425 O  "O5'" . DA  B 2 10 ? -13.373 5.494   4.954   1.00 32.78  ? 10  DA  B "O5'" 1 
ATOM   426 C  "C5'" . DA  B 2 10 ? -13.402 5.762   6.358   1.00 35.45  ? 10  DA  B "C5'" 1 
ATOM   427 C  "C4'" . DA  B 2 10 ? -12.345 6.762   6.733   1.00 47.41  ? 10  DA  B "C4'" 1 
ATOM   428 O  "O4'" . DA  B 2 10 ? -11.057 6.288   6.260   1.00 51.88  ? 10  DA  B "O4'" 1 
ATOM   429 C  "C3'" . DA  B 2 10 ? -12.453 8.141   6.118   1.00 51.67  ? 10  DA  B "C3'" 1 
ATOM   430 O  "O3'" . DA  B 2 10 ? -13.376 8.968   6.817   1.00 49.73  ? 10  DA  B "O3'" 1 
ATOM   431 C  "C2'" . DA  B 2 10 ? -11.028 8.649   6.217   1.00 57.16  ? 10  DA  B "C2'" 1 
ATOM   432 C  "C1'" . DA  B 2 10 ? -10.220 7.408   5.943   1.00 53.61  ? 10  DA  B "C1'" 1 
ATOM   433 N  N9    . DA  B 2 10 ? -9.810  7.147   4.544   1.00 49.84  ? 10  DA  B N9    1 
ATOM   434 C  C8    . DA  B 2 10 ? -10.489 6.370   3.638   1.00 43.89  ? 10  DA  B C8    1 
ATOM   435 N  N7    . DA  B 2 10 ? -9.891  6.318   2.479   1.00 47.45  ? 10  DA  B N7    1 
ATOM   436 C  C5    . DA  B 2 10 ? -8.756  7.104   2.627   1.00 45.58  ? 10  DA  B C5    1 
ATOM   437 C  C6    . DA  B 2 10 ? -7.714  7.440   1.747   1.00 41.99  ? 10  DA  B C6    1 
ATOM   438 N  N6    . DA  B 2 10 ? -7.631  7.019   0.482   1.00 30.32  ? 10  DA  B N6    1 
ATOM   439 N  N1    . DA  B 2 10 ? -6.729  8.246   2.205   1.00 44.69  ? 10  DA  B N1    1 
ATOM   440 C  C2    . DA  B 2 10 ? -6.819  8.666   3.474   1.00 49.28  ? 10  DA  B C2    1 
ATOM   441 N  N3    . DA  B 2 10 ? -7.743  8.423   4.406   1.00 48.29  ? 10  DA  B N3    1 
ATOM   442 C  C4    . DA  B 2 10 ? -8.700  7.621   3.910   1.00 47.31  ? 10  DA  B C4    1 
ATOM   443 P  P     . DG  B 2 11 ? -14.397 9.873   5.954   1.00 45.63  ? 11  DG  B P     1 
ATOM   444 O  OP1   . DG  B 2 11 ? -15.404 10.437  6.890   1.00 69.25  ? 11  DG  B OP1   1 
ATOM   445 O  OP2   . DG  B 2 11 ? -14.841 9.099   4.752   1.00 34.83  ? 11  DG  B OP2   1 
ATOM   446 O  "O5'" . DG  B 2 11 ? -13.454 11.049  5.407   1.00 35.23  ? 11  DG  B "O5'" 1 
ATOM   447 C  "C5'" . DG  B 2 11 ? -12.923 12.020  6.320   1.00 40.08  ? 11  DG  B "C5'" 1 
ATOM   448 C  "C4'" . DG  B 2 11 ? -11.590 12.455  5.782   1.00 41.18  ? 11  DG  B "C4'" 1 
ATOM   449 O  "O4'" . DG  B 2 11 ? -10.843 11.304  5.350   1.00 41.48  ? 11  DG  B "O4'" 1 
ATOM   450 C  "C3'" . DG  B 2 11 ? -11.632 13.311  4.534   1.00 53.71  ? 11  DG  B "C3'" 1 
ATOM   451 O  "O3'" . DG  B 2 11 ? -11.989 14.660  4.848   1.00 62.95  ? 11  DG  B "O3'" 1 
ATOM   452 C  "C2'" . DG  B 2 11 ? -10.225 13.149  3.995   1.00 46.96  ? 11  DG  B "C2'" 1 
ATOM   453 C  "C1'" . DG  B 2 11 ? -9.943  11.687  4.323   1.00 45.67  ? 11  DG  B "C1'" 1 
ATOM   454 N  N9    . DG  B 2 11 ? -10.123 10.828  3.129   1.00 35.05  ? 11  DG  B N9    1 
ATOM   455 C  C8    . DG  B 2 11 ? -11.071 9.870   2.879   1.00 29.70  ? 11  DG  B C8    1 
ATOM   456 N  N7    . DG  B 2 11 ? -10.923 9.307   1.713   1.00 34.77  ? 11  DG  B N7    1 
ATOM   457 C  C5    . DG  B 2 11 ? -9.805  9.938   1.163   1.00 27.19  ? 11  DG  B C5    1 
ATOM   458 C  C6    . DG  B 2 11 ? -9.151  9.765   -0.076  1.00 31.01  ? 11  DG  B C6    1 
ATOM   459 O  O6    . DG  B 2 11 ? -9.428  8.984   -0.994  1.00 42.54  ? 11  DG  B O6    1 
ATOM   460 N  N1    . DG  B 2 11 ? -8.055  10.613  -0.224  1.00 43.26  ? 11  DG  B N1    1 
ATOM   461 C  C2    . DG  B 2 11 ? -7.636  11.526  0.714   1.00 49.79  ? 11  DG  B C2    1 
ATOM   462 N  N2    . DG  B 2 11 ? -6.558  12.252  0.384   1.00 58.05  ? 11  DG  B N2    1 
ATOM   463 N  N3    . DG  B 2 11 ? -8.235  11.704  1.882   1.00 50.29  ? 11  DG  B N3    1 
ATOM   464 C  C4    . DG  B 2 11 ? -9.300  10.881  2.029   1.00 39.72  ? 11  DG  B C4    1 
ATOM   465 P  P     . DG  B 2 12 ? -13.044 15.318  3.803   1.00 64.15  ? 12  DG  B P     1 
ATOM   466 O  OP1   . DG  B 2 12 ? -13.839 16.348  4.521   1.00 88.06  ? 12  DG  B OP1   1 
ATOM   467 O  OP2   . DG  B 2 12 ? -13.756 14.186  3.124   1.00 49.10  ? 12  DG  B OP2   1 
ATOM   468 O  "O5'" . DG  B 2 12 ? -12.072 16.008  2.738   1.00 57.80  ? 12  DG  B "O5'" 1 
ATOM   469 C  "C5'" . DG  B 2 12 ? -11.984 15.490  1.405   1.00 41.25  ? 12  DG  B "C5'" 1 
ATOM   470 C  "C4'" . DG  B 2 12 ? -10.791 16.112  0.715   1.00 43.95  ? 12  DG  B "C4'" 1 
ATOM   471 O  "O4'" . DG  B 2 12 ? -9.705  15.145  0.745   1.00 42.11  ? 12  DG  B "O4'" 1 
ATOM   472 C  "C3'" . DG  B 2 12 ? -10.983 16.491  -0.739  1.00 40.83  ? 12  DG  B "C3'" 1 
ATOM   473 O  "O3'" . DG  B 2 12 ? -11.327 17.866  -0.889  1.00 61.00  ? 12  DG  B "O3'" 1 
ATOM   474 C  "C2'" . DG  B 2 12 ? -9.639  16.169  -1.356  1.00 35.34  ? 12  DG  B "C2'" 1 
ATOM   475 C  "C1'" . DG  B 2 12 ? -9.262  14.917  -0.577  1.00 40.05  ? 12  DG  B "C1'" 1 
ATOM   476 N  N9    . DG  B 2 12 ? -9.892  13.674  -1.083  1.00 34.60  ? 12  DG  B N9    1 
ATOM   477 C  C8    . DG  B 2 12 ? -10.878 12.904  -0.527  1.00 32.89  ? 12  DG  B C8    1 
ATOM   478 N  N7    . DG  B 2 12 ? -11.195 11.869  -1.252  1.00 34.12  ? 12  DG  B N7    1 
ATOM   479 C  C5    . DG  B 2 12 ? -10.362 11.963  -2.359  1.00 32.78  ? 12  DG  B C5    1 
ATOM   480 C  C6    . DG  B 2 12 ? -10.246 11.121  -3.493  1.00 42.08  ? 12  DG  B C6    1 
ATOM   481 O  O6    . DG  B 2 12 ? -10.882 10.088  -3.750  1.00 47.60  ? 12  DG  B O6    1 
ATOM   482 N  N1    . DG  B 2 12 ? -9.273  11.602  -4.360  1.00 42.84  ? 12  DG  B N1    1 
ATOM   483 C  C2    . DG  B 2 12 ? -8.516  12.730  -4.173  1.00 44.98  ? 12  DG  B C2    1 
ATOM   484 N  N2    . DG  B 2 12 ? -7.624  13.032  -5.127  1.00 61.18  ? 12  DG  B N2    1 
ATOM   485 N  N3    . DG  B 2 12 ? -8.614  13.523  -3.118  1.00 36.39  ? 12  DG  B N3    1 
ATOM   486 C  C4    . DG  B 2 12 ? -9.554  13.068  -2.270  1.00 29.58  ? 12  DG  B C4    1 
HETATM 487 PT PT    . PT  C 3 .  ? -0.053  -0.986  4.798   1.00 51.72  ? 41  PT  A PT    1 
HETATM 488 C  C7    . DNH D 4 .  ? 3.694   2.130   2.620   1.00 57.31  ? 40  DNH A C7    1 
HETATM 489 C  C8    . DNH D 4 .  ? 3.279   3.035   3.776   1.00 57.14  ? 40  DNH A C8    1 
HETATM 490 C  C3    . DNH D 4 .  ? 1.921   0.485   3.282   1.00 40.80  ? 40  DNH A C3    1 
HETATM 491 C  C4    . DNH D 4 .  ? 1.592   1.333   4.491   1.00 54.48  ? 40  DNH A C4    1 
HETATM 492 C  C5    . DNH D 4 .  ? 3.414   0.656   2.928   1.00 49.71  ? 40  DNH A C5    1 
HETATM 493 C  C6    . DNH D 4 .  ? 1.822   2.815   4.174   1.00 62.77  ? 40  DNH A C6    1 
HETATM 494 N  N1    . DNH D 4 .  ? 1.600   -0.928  3.625   1.00 32.88  ? 40  DNH A N1    1 
HETATM 495 N  N2    . DNH D 4 .  ? 0.170   1.042   4.844   1.00 54.61  ? 40  DNH A N2    1 
HETATM 496 BA BA    . BA  E 5 .  ? -11.781 7.393   0.254   1.00 56.13  ? 42  BA  B BA    1 
HETATM 497 O  O     . HOH F 6 .  ? -7.047  0.826   8.425   1.00 43.97  ? 102 HOH A O     1 
HETATM 498 O  O     . HOH F 6 .  ? 3.177   6.291   3.158   1.00 51.58  ? 106 HOH A O     1 
HETATM 499 O  O     . HOH F 6 .  ? 10.970  -11.987 0.115   1.00 50.62  ? 111 HOH A O     1 
HETATM 500 O  O     . HOH F 6 .  ? -12.322 6.101   -6.955  1.00 50.66  ? 112 HOH A O     1 
HETATM 501 O  O     . HOH F 6 .  ? 6.384   -18.196 -1.265  1.00 69.17  ? 113 HOH A O     1 
HETATM 502 O  O     . HOH G 6 .  ? -9.274  -1.959  5.509   1.00 47.62  ? 103 HOH B O     1 
HETATM 503 O  O     . HOH G 6 .  ? 13.778  -10.797 2.573   1.00 74.38  ? 104 HOH B O     1 
HETATM 504 O  O     . HOH G 6 .  ? -5.039  -4.481  -9.825  1.00 61.73  ? 105 HOH B O     1 
HETATM 505 O  O     . HOH G 6 .  ? -13.458 9.881   -0.253  1.00 58.77  ? 107 HOH B O     1 
HETATM 506 O  O     . HOH G 6 .  ? -14.450 18.946  2.697   1.00 60.87  ? 108 HOH B O     1 
HETATM 507 O  O     . HOH G 6 .  ? -11.456 -5.126  -6.973  1.00 49.88  ? 109 HOH B O     1 
HETATM 508 O  O     . HOH G 6 .  ? -11.784 18.019  5.225   1.00 55.50  ? 110 HOH B O     1 
# 
_atom_site_anisotrop.id                   487 
_atom_site_anisotrop.type_symbol          PT 
_atom_site_anisotrop.pdbx_label_atom_id   PT 
_atom_site_anisotrop.pdbx_label_alt_id    . 
_atom_site_anisotrop.pdbx_label_comp_id   PT 
_atom_site_anisotrop.pdbx_label_asym_id   C 
_atom_site_anisotrop.pdbx_label_seq_id    . 
_atom_site_anisotrop.pdbx_PDB_ins_code    ? 
_atom_site_anisotrop.U[1][1]              0.5530 
_atom_site_anisotrop.U[2][2]              0.6581 
_atom_site_anisotrop.U[3][3]              0.7540 
_atom_site_anisotrop.U[1][2]              0.0569 
_atom_site_anisotrop.U[1][3]              -0.1077 
_atom_site_anisotrop.U[2][3]              0.1351 
_atom_site_anisotrop.pdbx_auth_seq_id     41 
_atom_site_anisotrop.pdbx_auth_comp_id    PT 
_atom_site_anisotrop.pdbx_auth_asym_id    A 
_atom_site_anisotrop.pdbx_auth_atom_id    PT 
# 
